data_6RG2
#
_entry.id   6RG2
#
_cell.length_a   51.646
_cell.length_b   56.708
_cell.length_c   108.477
_cell.angle_alpha   90.00
_cell.angle_beta   95.33
_cell.angle_gamma   90.00
#
_symmetry.space_group_name_H-M   'P 1 21 1'
#
loop_
_entity.id
_entity.type
_entity.pdbx_description
1 polymer 'lectin PLL2 from Photorhabdus laumondii'
2 non-polymer 3-O-methyl-alpha-D-glucopyranose
3 non-polymer 3-O-methyl-beta-D-glucopyranose
4 non-polymer 'ACETATE ION'
5 non-polymer 'SODIUM ION'
6 water water
#
_entity_poly.entity_id   1
_entity_poly.type   'polypeptide(L)'
_entity_poly.pdbx_seq_one_letter_code
;MQEEPTNIPRPDNAELLVASEVAIENAAIALSEIVSVVNTSDGRIEVFGVGTDNAVWHNRQTAPHSGSSWTGWISLNGKV
TSKPVVYINTDGRLEVFARGTDNALWHIWQTATNAGWSNWQSLGGTITSNPAVYVNTDGRIDVFARGTDNALWHISQTAA
HSGPWSSWQSLNGVITSNPAVHINSDGRLEVFARGTDNALWHIWQTAPDSNQWSGWDSLGGVITSDPVVIGTADGRLEVF
ARGSNNALYHIWQTVPHGGPWSNWASLNGVITSAPAVVKNSDGRLEVFARGTNNALYHIWQTVSHSGPWSNWATLNGTIT
SAPTAVEDADGRLEVFARGTDNALWNIWQATPSWSAWVSLKGSLIDASAIK
;
_entity_poly.pdbx_strand_id   B,A
#
# COMPACT_ATOMS: atom_id res chain seq x y z
N ILE A 29 -7.93 6.27 -30.77
CA ILE A 29 -7.91 5.83 -29.35
C ILE A 29 -8.43 4.39 -29.32
N ALA A 30 -7.54 3.44 -29.05
CA ALA A 30 -7.81 1.98 -29.04
C ALA A 30 -8.99 1.67 -28.10
N LEU A 31 -9.75 0.58 -28.34
CA LEU A 31 -10.93 0.25 -27.51
CA LEU A 31 -10.93 0.20 -27.50
C LEU A 31 -10.60 0.39 -26.02
N SER A 32 -11.49 1.06 -25.31
CA SER A 32 -11.25 1.42 -23.89
CA SER A 32 -11.33 1.45 -23.88
C SER A 32 -11.53 0.25 -22.93
N GLU A 33 -10.93 0.35 -21.76
CA GLU A 33 -11.38 -0.45 -20.59
C GLU A 33 -12.84 -0.10 -20.31
N ILE A 34 -13.62 -1.07 -19.85
CA ILE A 34 -15.08 -0.82 -19.67
CA ILE A 34 -15.10 -0.99 -19.69
C ILE A 34 -15.48 -0.88 -18.21
N VAL A 35 -14.54 -1.16 -17.32
CA VAL A 35 -14.79 -1.05 -15.85
C VAL A 35 -13.64 -0.32 -15.20
N SER A 36 -13.94 0.24 -14.04
N SER A 36 -13.89 0.29 -14.07
CA SER A 36 -12.98 0.73 -13.04
CA SER A 36 -12.82 0.71 -13.15
C SER A 36 -12.93 -0.32 -11.94
C SER A 36 -12.90 -0.23 -11.94
N VAL A 37 -11.74 -0.64 -11.44
CA VAL A 37 -11.57 -1.76 -10.47
CA VAL A 37 -11.71 -1.70 -10.39
C VAL A 37 -10.80 -1.25 -9.25
N VAL A 38 -11.14 -1.73 -8.07
N VAL A 38 -11.03 -1.87 -8.10
CA VAL A 38 -10.43 -1.34 -6.83
CA VAL A 38 -10.17 -1.72 -6.90
C VAL A 38 -10.31 -2.59 -5.96
C VAL A 38 -10.34 -2.97 -6.02
N ASN A 39 -9.26 -2.64 -5.13
N ASN A 39 -9.25 -3.36 -5.35
CA ASN A 39 -9.19 -3.55 -3.98
CA ASN A 39 -9.25 -4.31 -4.20
C ASN A 39 -9.82 -2.82 -2.80
C ASN A 39 -9.53 -3.51 -2.92
N THR A 40 -10.95 -3.30 -2.28
N THR A 40 -10.69 -3.69 -2.25
CA THR A 40 -11.53 -2.77 -1.03
CA THR A 40 -11.20 -2.78 -1.18
C THR A 40 -10.54 -2.95 0.11
C THR A 40 -10.51 -3.04 0.16
N SER A 41 -10.85 -2.26 1.19
CA SER A 41 -10.12 -2.31 2.48
C SER A 41 -10.27 -3.68 3.15
N ASP A 42 -11.26 -4.49 2.76
CA ASP A 42 -11.41 -5.86 3.31
C ASP A 42 -10.98 -6.92 2.29
N GLY A 43 -10.16 -6.56 1.30
CA GLY A 43 -9.51 -7.55 0.44
C GLY A 43 -10.41 -8.11 -0.64
N ARG A 44 -11.50 -7.44 -0.97
CA ARG A 44 -12.44 -7.91 -2.02
C ARG A 44 -12.30 -7.00 -3.23
N ILE A 45 -12.25 -7.58 -4.43
CA ILE A 45 -12.24 -6.76 -5.67
CA ILE A 45 -12.25 -6.79 -5.69
C ILE A 45 -13.67 -6.24 -5.90
N GLU A 46 -13.78 -4.97 -6.24
CA GLU A 46 -15.07 -4.35 -6.62
C GLU A 46 -14.87 -3.69 -7.98
N VAL A 47 -15.85 -3.90 -8.87
CA VAL A 47 -15.78 -3.38 -10.26
CA VAL A 47 -15.85 -3.48 -10.29
C VAL A 47 -16.99 -2.48 -10.51
N PHE A 48 -16.75 -1.42 -11.27
CA PHE A 48 -17.74 -0.37 -11.57
C PHE A 48 -17.82 -0.21 -13.09
N GLY A 49 -19.03 -0.29 -13.63
CA GLY A 49 -19.28 -0.14 -15.06
C GLY A 49 -20.55 0.62 -15.31
N VAL A 50 -20.86 0.82 -16.59
CA VAL A 50 -22.09 1.52 -17.02
C VAL A 50 -23.03 0.51 -17.65
N GLY A 51 -24.24 0.46 -17.12
CA GLY A 51 -25.28 -0.41 -17.67
C GLY A 51 -25.96 0.18 -18.90
N THR A 52 -26.90 -0.55 -19.48
CA THR A 52 -27.58 -0.12 -20.73
C THR A 52 -28.51 1.05 -20.41
N ASP A 53 -28.80 1.31 -19.13
CA ASP A 53 -29.60 2.46 -18.67
C ASP A 53 -28.73 3.69 -18.36
N ASN A 54 -27.44 3.62 -18.68
CA ASN A 54 -26.48 4.74 -18.42
CA ASN A 54 -26.41 4.67 -18.42
C ASN A 54 -26.27 4.96 -16.91
N ALA A 55 -26.79 4.09 -16.05
CA ALA A 55 -26.49 4.15 -14.62
C ALA A 55 -25.15 3.46 -14.38
N VAL A 56 -24.53 3.80 -13.25
CA VAL A 56 -23.32 3.08 -12.78
C VAL A 56 -23.78 1.87 -11.98
N TRP A 57 -23.22 0.71 -12.29
CA TRP A 57 -23.49 -0.53 -11.55
C TRP A 57 -22.18 -1.06 -10.98
N HIS A 58 -22.26 -1.80 -9.90
CA HIS A 58 -21.03 -2.39 -9.33
CA HIS A 58 -21.05 -2.36 -9.24
C HIS A 58 -21.27 -3.84 -8.89
N ASN A 59 -20.17 -4.57 -8.84
CA ASN A 59 -20.17 -6.01 -8.49
C ASN A 59 -18.95 -6.23 -7.61
N ARG A 60 -19.07 -7.07 -6.61
CA ARG A 60 -17.96 -7.25 -5.66
C ARG A 60 -17.78 -8.74 -5.37
N GLN A 61 -16.55 -9.16 -5.12
CA GLN A 61 -16.32 -10.54 -4.65
C GLN A 61 -17.02 -10.72 -3.29
N THR A 62 -17.61 -11.89 -3.07
CA THR A 62 -18.20 -12.23 -1.75
C THR A 62 -17.11 -12.61 -0.74
N ALA A 63 -15.97 -13.08 -1.22
CA ALA A 63 -14.85 -13.50 -0.36
C ALA A 63 -13.55 -13.00 -0.96
N PRO A 64 -12.56 -12.72 -0.09
CA PRO A 64 -11.27 -12.15 -0.51
C PRO A 64 -10.32 -13.22 -1.04
N HIS A 65 -10.73 -13.92 -2.11
CA HIS A 65 -9.91 -15.01 -2.67
C HIS A 65 -10.12 -15.11 -4.18
N SER A 66 -9.12 -15.62 -4.86
CA SER A 66 -9.24 -15.98 -6.29
C SER A 66 -10.41 -16.94 -6.48
N GLY A 67 -11.23 -16.71 -7.50
CA GLY A 67 -12.33 -17.61 -7.85
C GLY A 67 -13.52 -17.47 -6.93
N SER A 68 -13.56 -16.46 -6.07
CA SER A 68 -14.76 -16.17 -5.26
C SER A 68 -15.99 -16.00 -6.15
N SER A 69 -17.15 -16.32 -5.60
CA SER A 69 -18.43 -15.86 -6.17
C SER A 69 -18.53 -14.35 -6.00
N TRP A 70 -19.54 -13.79 -6.66
CA TRP A 70 -19.76 -12.33 -6.73
C TRP A 70 -21.12 -11.98 -6.17
N THR A 71 -21.30 -10.73 -5.75
CA THR A 71 -22.58 -10.25 -5.21
C THR A 71 -23.65 -10.23 -6.29
N GLY A 72 -23.22 -10.11 -7.54
CA GLY A 72 -24.10 -9.70 -8.63
C GLY A 72 -24.10 -8.19 -8.77
N TRP A 73 -24.59 -7.73 -9.91
CA TRP A 73 -24.56 -6.30 -10.25
C TRP A 73 -25.66 -5.58 -9.49
N ILE A 74 -25.28 -4.48 -8.89
CA ILE A 74 -26.18 -3.62 -8.07
C ILE A 74 -26.03 -2.19 -8.58
N SER A 75 -27.14 -1.50 -8.81
CA SER A 75 -27.12 -0.15 -9.40
C SER A 75 -26.81 0.92 -8.35
N LEU A 76 -25.97 1.87 -8.73
CA LEU A 76 -25.76 3.15 -7.99
C LEU A 76 -26.54 4.29 -8.66
N ASN A 77 -27.39 3.96 -9.62
CA ASN A 77 -28.20 4.98 -10.35
C ASN A 77 -27.27 5.99 -11.00
N GLY A 78 -27.75 7.22 -11.14
CA GLY A 78 -27.07 8.24 -11.94
C GLY A 78 -27.28 8.02 -13.42
N LYS A 79 -26.85 9.00 -14.18
CA LYS A 79 -26.85 8.94 -15.64
C LYS A 79 -25.51 9.51 -16.08
N VAL A 80 -24.66 8.69 -16.68
CA VAL A 80 -23.27 9.14 -16.90
C VAL A 80 -22.93 9.09 -18.38
N THR A 81 -21.93 9.89 -18.75
CA THR A 81 -21.43 10.03 -20.14
C THR A 81 -19.90 9.96 -20.11
N SER A 82 -19.35 9.27 -19.12
CA SER A 82 -17.92 8.87 -19.13
C SER A 82 -17.82 7.47 -18.55
N LYS A 83 -16.65 6.88 -18.68
CA LYS A 83 -16.28 5.75 -17.79
C LYS A 83 -16.38 6.25 -16.36
N PRO A 84 -16.98 5.45 -15.45
CA PRO A 84 -16.96 5.80 -14.03
C PRO A 84 -15.61 5.39 -13.46
N VAL A 85 -15.05 6.23 -12.59
CA VAL A 85 -13.69 6.00 -12.04
C VAL A 85 -13.77 5.96 -10.51
N VAL A 86 -13.59 4.78 -9.97
CA VAL A 86 -13.56 4.60 -8.49
C VAL A 86 -12.16 4.94 -7.97
N TYR A 87 -12.11 5.44 -6.75
CA TYR A 87 -10.84 5.61 -6.03
C TYR A 87 -11.13 5.34 -4.55
N ILE A 88 -10.18 4.75 -3.86
CA ILE A 88 -10.30 4.50 -2.40
C ILE A 88 -9.70 5.67 -1.63
N ASN A 89 -10.53 6.36 -0.87
CA ASN A 89 -10.04 7.39 0.07
C ASN A 89 -9.08 6.76 1.08
N THR A 90 -8.28 7.59 1.76
CA THR A 90 -7.26 7.06 2.71
C THR A 90 -7.92 6.46 3.96
N ASP A 91 -9.21 6.70 4.19
CA ASP A 91 -9.98 6.07 5.29
C ASP A 91 -10.71 4.83 4.79
N GLY A 92 -10.41 4.37 3.57
CA GLY A 92 -11.03 3.15 3.01
C GLY A 92 -12.38 3.37 2.34
N ARG A 93 -12.93 4.58 2.35
CA ARG A 93 -14.26 4.81 1.69
C ARG A 93 -14.06 4.90 0.18
N LEU A 94 -14.79 4.07 -0.55
CA LEU A 94 -14.78 4.18 -2.04
C LEU A 94 -15.53 5.44 -2.47
N GLU A 95 -15.10 5.98 -3.60
CA GLU A 95 -15.72 7.19 -4.17
C GLU A 95 -15.63 7.09 -5.69
N VAL A 96 -16.76 7.31 -6.37
CA VAL A 96 -16.84 7.17 -7.84
C VAL A 96 -17.03 8.54 -8.46
N PHE A 97 -16.28 8.80 -9.52
CA PHE A 97 -16.31 10.06 -10.27
C PHE A 97 -16.79 9.74 -11.69
N ALA A 98 -17.63 10.60 -12.24
CA ALA A 98 -18.15 10.39 -13.61
C ALA A 98 -18.64 11.71 -14.17
N ARG A 99 -18.57 11.83 -15.48
CA ARG A 99 -19.21 12.91 -16.23
CA ARG A 99 -19.22 12.94 -16.21
C ARG A 99 -20.73 12.69 -16.25
N GLY A 100 -21.52 13.71 -15.96
CA GLY A 100 -22.98 13.61 -16.00
C GLY A 100 -23.54 14.08 -17.33
N THR A 101 -24.85 13.95 -17.47
CA THR A 101 -25.52 14.34 -18.73
C THR A 101 -25.47 15.87 -18.93
N ASP A 102 -25.23 16.65 -17.88
CA ASP A 102 -25.06 18.12 -17.95
C ASP A 102 -23.58 18.49 -18.17
N ASN A 103 -22.72 17.48 -18.38
CA ASN A 103 -21.29 17.67 -18.69
CA ASN A 103 -21.27 17.58 -18.66
C ASN A 103 -20.48 18.05 -17.43
N ALA A 104 -21.13 18.12 -16.28
CA ALA A 104 -20.41 18.39 -15.02
C ALA A 104 -19.71 17.12 -14.55
N LEU A 105 -18.72 17.29 -13.68
CA LEU A 105 -18.19 16.15 -12.90
C LEU A 105 -19.15 15.88 -11.74
N TRP A 106 -19.59 14.65 -11.61
CA TRP A 106 -20.42 14.17 -10.49
C TRP A 106 -19.65 13.14 -9.69
N HIS A 107 -20.02 12.97 -8.44
CA HIS A 107 -19.40 11.93 -7.60
C HIS A 107 -20.40 11.40 -6.59
N ILE A 108 -20.06 10.23 -6.07
CA ILE A 108 -20.88 9.50 -5.08
C ILE A 108 -19.88 8.75 -4.21
N TRP A 109 -20.14 8.66 -2.91
CA TRP A 109 -19.12 8.07 -2.02
C TRP A 109 -19.78 7.20 -0.98
N GLN A 110 -19.02 6.24 -0.50
CA GLN A 110 -19.42 5.47 0.71
C GLN A 110 -19.39 6.40 1.92
N THR A 111 -20.39 6.29 2.77
CA THR A 111 -20.51 7.13 4.00
C THR A 111 -19.66 6.49 5.10
N ALA A 112 -19.36 5.20 4.98
CA ALA A 112 -18.40 4.47 5.84
C ALA A 112 -17.70 3.39 5.01
N THR A 113 -16.48 3.01 5.38
CA THR A 113 -15.70 2.08 4.51
CA THR A 113 -15.64 2.02 4.66
C THR A 113 -16.53 0.83 4.26
N ASN A 114 -16.70 0.54 2.97
CA ASN A 114 -17.43 -0.65 2.47
C ASN A 114 -18.87 -0.68 2.98
N ALA A 115 -19.48 0.48 3.22
CA ALA A 115 -20.86 0.54 3.70
C ALA A 115 -21.72 1.27 2.67
N GLY A 116 -22.82 1.88 3.11
CA GLY A 116 -23.79 2.54 2.23
C GLY A 116 -23.17 3.69 1.48
N TRP A 117 -23.86 4.12 0.44
CA TRP A 117 -23.43 5.21 -0.48
C TRP A 117 -24.27 6.46 -0.24
N SER A 118 -23.66 7.61 -0.51
CA SER A 118 -24.30 8.94 -0.56
C SER A 118 -25.22 9.00 -1.79
N ASN A 119 -25.91 10.12 -1.95
CA ASN A 119 -26.52 10.50 -3.23
C ASN A 119 -25.41 11.01 -4.15
N TRP A 120 -25.67 11.00 -5.45
CA TRP A 120 -24.80 11.72 -6.42
C TRP A 120 -24.83 13.21 -6.14
N GLN A 121 -23.66 13.84 -6.22
CA GLN A 121 -23.50 15.31 -6.02
CA GLN A 121 -23.58 15.32 -6.07
C GLN A 121 -22.66 15.86 -7.16
N SER A 122 -22.97 17.07 -7.59
CA SER A 122 -22.23 17.75 -8.67
C SER A 122 -21.04 18.52 -8.09
N LEU A 123 -19.90 18.38 -8.77
CA LEU A 123 -18.72 19.23 -8.56
C LEU A 123 -18.63 20.26 -9.69
N GLY A 124 -19.69 20.40 -10.50
CA GLY A 124 -19.71 21.42 -11.54
C GLY A 124 -18.65 21.20 -12.60
N GLY A 125 -18.24 22.29 -13.23
CA GLY A 125 -17.34 22.24 -14.39
C GLY A 125 -18.08 21.76 -15.63
N THR A 126 -17.35 21.77 -16.73
CA THR A 126 -17.78 21.22 -18.05
CA THR A 126 -17.78 21.22 -18.03
C THR A 126 -16.62 20.41 -18.59
N ILE A 127 -16.74 19.09 -18.60
CA ILE A 127 -15.60 18.21 -18.90
C ILE A 127 -15.86 17.41 -20.16
N THR A 128 -14.77 17.00 -20.80
CA THR A 128 -14.83 16.41 -22.16
C THR A 128 -13.96 15.16 -22.22
N SER A 129 -13.62 14.58 -21.06
CA SER A 129 -12.87 13.32 -20.98
C SER A 129 -13.38 12.51 -19.80
N ASN A 130 -12.91 11.29 -19.71
CA ASN A 130 -13.03 10.54 -18.44
C ASN A 130 -12.24 11.28 -17.36
N PRO A 131 -12.67 11.21 -16.09
CA PRO A 131 -11.87 11.72 -14.99
C PRO A 131 -10.65 10.82 -14.81
N ALA A 132 -9.57 11.42 -14.32
CA ALA A 132 -8.37 10.71 -13.81
C ALA A 132 -8.18 11.12 -12.36
N VAL A 133 -8.06 10.12 -11.50
CA VAL A 133 -8.19 10.35 -10.04
C VAL A 133 -6.96 9.81 -9.33
N TYR A 134 -6.43 10.58 -8.37
CA TYR A 134 -5.38 10.08 -7.46
C TYR A 134 -5.53 10.80 -6.13
N VAL A 135 -4.83 10.30 -5.12
CA VAL A 135 -4.81 10.98 -3.79
C VAL A 135 -3.41 11.55 -3.54
N ASN A 136 -3.41 12.77 -3.03
CA ASN A 136 -2.18 13.44 -2.57
C ASN A 136 -1.68 12.77 -1.29
N THR A 137 -0.43 13.09 -0.92
CA THR A 137 0.22 12.51 0.29
C THR A 137 -0.53 12.95 1.56
N ASP A 138 -1.31 14.03 1.48
CA ASP A 138 -2.08 14.59 2.63
C ASP A 138 -3.51 14.03 2.67
N GLY A 139 -3.79 13.04 1.85
CA GLY A 139 -5.10 12.37 1.86
C GLY A 139 -6.15 13.09 1.04
N ARG A 140 -5.82 14.18 0.36
CA ARG A 140 -6.77 14.95 -0.48
CA ARG A 140 -6.79 14.93 -0.47
C ARG A 140 -6.84 14.34 -1.89
N ILE A 141 -8.01 13.86 -2.30
CA ILE A 141 -8.21 13.40 -3.70
C ILE A 141 -8.07 14.59 -4.64
N ASP A 142 -7.40 14.35 -5.76
CA ASP A 142 -7.25 15.30 -6.89
C ASP A 142 -7.86 14.65 -8.12
N VAL A 143 -8.76 15.36 -8.78
CA VAL A 143 -9.45 14.85 -9.99
C VAL A 143 -9.06 15.73 -11.17
N PHE A 144 -8.69 15.05 -12.26
CA PHE A 144 -8.22 15.70 -13.50
C PHE A 144 -9.20 15.35 -14.62
N ALA A 145 -9.49 16.31 -15.48
CA ALA A 145 -10.33 16.05 -16.66
C ALA A 145 -10.01 17.10 -17.72
N ARG A 146 -10.23 16.71 -18.97
CA ARG A 146 -10.17 17.69 -20.07
C ARG A 146 -11.37 18.61 -19.96
N GLY A 147 -11.18 19.88 -20.33
CA GLY A 147 -12.24 20.89 -20.35
C GLY A 147 -12.79 21.09 -21.75
N THR A 148 -13.72 22.04 -21.85
CA THR A 148 -14.37 22.40 -23.13
CA THR A 148 -14.36 22.33 -23.15
C THR A 148 -13.33 22.98 -24.10
N ASP A 149 -12.28 23.60 -23.56
CA ASP A 149 -11.18 24.23 -24.32
C ASP A 149 -10.08 23.20 -24.62
N ASN A 150 -10.29 21.94 -24.29
CA ASN A 150 -9.31 20.83 -24.49
C ASN A 150 -8.08 20.97 -23.58
N ALA A 151 -8.10 21.89 -22.63
CA ALA A 151 -7.03 21.98 -21.61
C ALA A 151 -7.26 20.93 -20.53
N LEU A 152 -6.22 20.68 -19.75
CA LEU A 152 -6.34 19.83 -18.55
C LEU A 152 -6.77 20.72 -17.39
N TRP A 153 -7.82 20.32 -16.69
CA TRP A 153 -8.33 21.02 -15.49
C TRP A 153 -8.31 20.05 -14.32
N HIS A 154 -8.27 20.59 -13.10
CA HIS A 154 -8.37 19.73 -11.91
C HIS A 154 -9.14 20.43 -10.79
N ILE A 155 -9.60 19.59 -9.88
CA ILE A 155 -10.37 20.01 -8.69
C ILE A 155 -10.02 19.04 -7.56
N SER A 156 -9.94 19.50 -6.31
CA SER A 156 -9.45 18.63 -5.23
C SER A 156 -10.29 18.78 -3.96
N GLN A 157 -10.24 17.74 -3.14
CA GLN A 157 -10.66 17.83 -1.72
C GLN A 157 -9.77 18.88 -1.02
N THR A 158 -10.32 19.68 -0.13
CA THR A 158 -9.49 20.68 0.60
C THR A 158 -9.04 20.16 1.97
N ALA A 159 -9.48 18.97 2.37
CA ALA A 159 -9.07 18.31 3.62
C ALA A 159 -9.02 16.81 3.33
N ALA A 160 -8.32 16.07 4.16
CA ALA A 160 -8.11 14.64 3.93
C ALA A 160 -9.47 13.95 3.80
N HIS A 161 -9.67 13.20 2.73
CA HIS A 161 -10.88 12.39 2.49
C HIS A 161 -12.14 13.20 2.86
N SER A 162 -12.20 14.47 2.49
CA SER A 162 -13.31 15.34 2.93
C SER A 162 -13.49 16.53 2.00
N GLY A 163 -14.73 17.02 1.93
CA GLY A 163 -14.99 18.36 1.39
C GLY A 163 -14.67 19.42 2.43
N PRO A 164 -14.84 20.71 2.11
CA PRO A 164 -15.31 21.12 0.79
C PRO A 164 -14.28 20.91 -0.31
N TRP A 165 -14.74 20.92 -1.55
CA TRP A 165 -13.84 20.82 -2.71
C TRP A 165 -13.38 22.22 -3.11
N SER A 166 -12.23 22.28 -3.76
CA SER A 166 -11.64 23.49 -4.36
C SER A 166 -12.48 23.94 -5.54
N SER A 167 -12.13 25.09 -6.09
CA SER A 167 -12.60 25.49 -7.44
CA SER A 167 -12.59 25.49 -7.44
C SER A 167 -11.86 24.67 -8.48
N TRP A 168 -12.44 24.59 -9.66
CA TRP A 168 -11.74 24.08 -10.85
C TRP A 168 -10.61 25.05 -11.20
N GLN A 169 -9.42 24.49 -11.50
N GLN A 169 -9.42 24.53 -11.50
CA GLN A 169 -8.21 25.25 -11.90
CA GLN A 169 -8.31 25.39 -11.97
C GLN A 169 -7.66 24.64 -13.20
C GLN A 169 -7.64 24.68 -13.15
N SER A 170 -7.25 25.48 -14.14
CA SER A 170 -6.67 25.01 -15.41
C SER A 170 -5.17 24.73 -15.23
N LEU A 171 -4.73 23.61 -15.77
CA LEU A 171 -3.31 23.29 -15.99
C LEU A 171 -2.94 23.47 -17.47
N ASN A 172 -3.81 24.11 -18.26
CA ASN A 172 -3.48 24.51 -19.64
C ASN A 172 -3.20 23.25 -20.48
N GLY A 173 -2.40 23.40 -21.53
CA GLY A 173 -2.21 22.33 -22.52
C GLY A 173 -3.40 22.19 -23.45
N VAL A 174 -3.24 21.34 -24.45
CA VAL A 174 -4.32 20.97 -25.39
C VAL A 174 -4.15 19.48 -25.60
N ILE A 175 -5.14 18.69 -25.16
CA ILE A 175 -4.95 17.22 -25.14
C ILE A 175 -6.04 16.53 -25.95
N THR A 176 -5.70 15.33 -26.40
CA THR A 176 -6.53 14.59 -27.38
C THR A 176 -6.77 13.16 -26.92
N SER A 177 -6.36 12.79 -25.72
CA SER A 177 -6.70 11.50 -25.09
C SER A 177 -7.32 11.76 -23.73
N ASN A 178 -7.85 10.71 -23.12
CA ASN A 178 -8.12 10.80 -21.66
C ASN A 178 -6.79 10.99 -20.95
N PRO A 179 -6.77 11.78 -19.86
CA PRO A 179 -5.57 11.93 -19.05
C PRO A 179 -5.38 10.68 -18.18
N ALA A 180 -4.13 10.47 -17.74
CA ALA A 180 -3.78 9.42 -16.77
C ALA A 180 -2.88 10.06 -15.70
N VAL A 181 -3.14 9.72 -14.44
CA VAL A 181 -2.39 10.29 -13.30
C VAL A 181 -1.76 9.17 -12.49
N HIS A 182 -0.59 9.45 -11.92
CA HIS A 182 0.01 8.59 -10.88
C HIS A 182 0.86 9.45 -9.97
N ILE A 183 1.18 8.97 -8.78
CA ILE A 183 2.09 9.70 -7.88
C ILE A 183 3.50 9.18 -8.10
N ASN A 184 4.44 10.11 -8.08
CA ASN A 184 5.89 9.79 -8.02
C ASN A 184 6.24 9.22 -6.65
N SER A 185 7.38 8.55 -6.61
CA SER A 185 7.85 7.91 -5.36
C SER A 185 8.33 8.96 -4.32
N ASP A 186 8.32 10.24 -4.66
CA ASP A 186 8.58 11.36 -3.71
C ASP A 186 7.29 12.13 -3.39
N GLY A 187 6.12 11.60 -3.79
CA GLY A 187 4.84 12.19 -3.39
C GLY A 187 4.27 13.19 -4.40
N ARG A 188 4.96 13.46 -5.52
CA ARG A 188 4.46 14.47 -6.52
C ARG A 188 3.55 13.79 -7.54
N LEU A 189 2.31 14.27 -7.64
CA LEU A 189 1.40 13.80 -8.71
C LEU A 189 1.98 14.15 -10.08
N GLU A 190 1.61 13.36 -11.08
CA GLU A 190 2.07 13.60 -12.45
C GLU A 190 0.99 13.07 -13.41
N VAL A 191 0.71 13.86 -14.44
CA VAL A 191 -0.37 13.57 -15.41
C VAL A 191 0.26 13.42 -16.79
N PHE A 192 -0.31 12.47 -17.53
CA PHE A 192 0.11 12.07 -18.89
C PHE A 192 -1.11 12.17 -19.81
N ALA A 193 -0.93 12.69 -21.01
CA ALA A 193 -2.02 12.76 -22.00
C ALA A 193 -1.40 12.92 -23.38
N ARG A 194 -2.15 12.50 -24.39
CA ARG A 194 -1.75 12.73 -25.80
CA ARG A 194 -1.76 12.72 -25.81
C ARG A 194 -1.98 14.19 -26.16
N GLY A 195 -1.07 14.74 -26.94
CA GLY A 195 -1.17 16.14 -27.38
C GLY A 195 -1.74 16.29 -28.78
N THR A 196 -1.71 17.52 -29.29
CA THR A 196 -2.28 17.84 -30.62
C THR A 196 -1.46 17.20 -31.73
N ASP A 197 -0.21 16.86 -31.44
CA ASP A 197 0.75 16.22 -32.37
C ASP A 197 0.76 14.69 -32.21
N ASN A 198 -0.16 14.16 -31.40
CA ASN A 198 -0.29 12.71 -31.11
C ASN A 198 0.93 12.18 -30.36
N ALA A 199 1.78 13.05 -29.83
CA ALA A 199 2.87 12.65 -28.93
C ALA A 199 2.32 12.53 -27.51
N LEU A 200 3.09 11.87 -26.66
CA LEU A 200 2.80 11.82 -25.21
C LEU A 200 3.36 13.08 -24.54
N TRP A 201 2.52 13.78 -23.79
CA TRP A 201 2.94 14.95 -22.99
C TRP A 201 2.70 14.68 -21.52
N HIS A 202 3.41 15.40 -20.65
CA HIS A 202 3.25 15.24 -19.19
C HIS A 202 3.50 16.56 -18.48
N ILE A 203 2.99 16.59 -17.25
CA ILE A 203 3.03 17.76 -16.36
C ILE A 203 3.02 17.21 -14.94
N TRP A 204 3.71 17.88 -14.03
CA TRP A 204 3.87 17.34 -12.65
C TRP A 204 3.75 18.40 -11.58
N GLN A 205 3.31 17.97 -10.41
CA GLN A 205 3.38 18.80 -9.20
C GLN A 205 4.85 19.14 -8.94
N THR A 206 5.11 20.38 -8.52
CA THR A 206 6.47 20.83 -8.13
C THR A 206 6.83 20.31 -6.74
N ALA A 207 5.86 19.99 -5.91
CA ALA A 207 6.08 19.51 -4.53
C ALA A 207 4.85 18.71 -4.13
N PRO A 208 4.95 17.75 -3.20
CA PRO A 208 3.76 17.02 -2.76
C PRO A 208 2.66 17.98 -2.28
N ASP A 209 1.42 17.62 -2.58
CA ASP A 209 0.20 18.31 -2.07
C ASP A 209 0.02 19.69 -2.72
N SER A 210 0.84 20.07 -3.68
CA SER A 210 0.88 21.46 -4.22
C SER A 210 -0.16 21.65 -5.32
N ASN A 211 -0.72 22.86 -5.40
CA ASN A 211 -1.52 23.30 -6.55
C ASN A 211 -0.62 23.97 -7.59
N GLN A 212 0.69 24.05 -7.33
CA GLN A 212 1.67 24.57 -8.31
C GLN A 212 2.27 23.42 -9.11
N TRP A 213 2.04 23.45 -10.41
CA TRP A 213 2.50 22.43 -11.36
C TRP A 213 3.59 23.00 -12.27
N SER A 214 4.33 22.09 -12.90
CA SER A 214 5.35 22.40 -13.92
C SER A 214 4.68 22.94 -15.18
N GLY A 215 5.49 23.33 -16.16
CA GLY A 215 5.03 23.42 -17.54
C GLY A 215 4.85 22.04 -18.14
N TRP A 216 4.15 21.99 -19.26
CA TRP A 216 4.04 20.76 -20.08
C TRP A 216 5.36 20.44 -20.78
N ASP A 217 5.67 19.15 -20.85
CA ASP A 217 6.88 18.62 -21.51
C ASP A 217 6.45 17.50 -22.44
N SER A 218 7.11 17.42 -23.58
CA SER A 218 6.83 16.35 -24.56
C SER A 218 7.75 15.16 -24.29
N LEU A 219 7.19 13.96 -24.24
CA LEU A 219 7.92 12.69 -24.27
C LEU A 219 7.91 12.10 -25.69
N GLY A 220 7.44 12.85 -26.67
CA GLY A 220 7.47 12.44 -28.08
C GLY A 220 6.66 11.18 -28.34
N GLY A 221 7.10 10.42 -29.35
CA GLY A 221 6.36 9.25 -29.82
C GLY A 221 5.12 9.62 -30.59
N VAL A 222 4.43 8.61 -31.08
CA VAL A 222 3.10 8.76 -31.70
C VAL A 222 2.24 7.67 -31.06
N ILE A 223 1.19 8.06 -30.35
CA ILE A 223 0.41 7.06 -29.59
C ILE A 223 -1.04 7.04 -30.09
N THR A 224 -1.55 5.83 -30.11
CA THR A 224 -2.85 5.49 -30.71
C THR A 224 -3.74 4.80 -29.69
N SER A 225 -3.46 5.03 -28.42
CA SER A 225 -4.35 4.68 -27.29
C SER A 225 -4.18 5.75 -26.21
N ASP A 226 -5.07 5.73 -25.24
CA ASP A 226 -4.79 6.39 -23.96
C ASP A 226 -3.50 5.81 -23.41
N PRO A 227 -2.70 6.65 -22.73
CA PRO A 227 -1.57 6.14 -21.96
C PRO A 227 -2.05 5.56 -20.63
N VAL A 228 -1.31 4.56 -20.14
CA VAL A 228 -1.48 4.06 -18.76
C VAL A 228 -0.13 4.16 -18.06
N VAL A 229 -0.18 4.47 -16.77
CA VAL A 229 1.06 4.76 -16.01
C VAL A 229 1.05 3.94 -14.72
N ILE A 230 2.20 3.44 -14.35
CA ILE A 230 2.36 2.63 -13.12
C ILE A 230 3.68 3.02 -12.48
N GLY A 231 3.78 2.76 -11.20
CA GLY A 231 5.04 2.89 -10.46
C GLY A 231 5.75 1.56 -10.38
N THR A 232 7.02 1.51 -10.76
CA THR A 232 7.80 0.25 -10.69
C THR A 232 8.12 -0.09 -9.23
N ALA A 233 8.54 -1.32 -9.00
CA ALA A 233 8.95 -1.77 -7.67
C ALA A 233 10.11 -0.93 -7.15
N ASP A 234 10.90 -0.34 -8.04
CA ASP A 234 12.08 0.46 -7.65
C ASP A 234 11.80 1.96 -7.77
N GLY A 235 10.54 2.40 -7.73
CA GLY A 235 10.16 3.81 -7.51
C GLY A 235 10.30 4.71 -8.73
N ARG A 236 10.06 4.16 -9.94
CA ARG A 236 10.08 4.95 -11.20
C ARG A 236 8.72 4.87 -11.87
N LEU A 237 8.29 5.98 -12.46
CA LEU A 237 7.09 5.94 -13.32
C LEU A 237 7.44 5.29 -14.64
N GLU A 238 6.49 4.48 -15.14
CA GLU A 238 6.59 3.81 -16.44
C GLU A 238 5.23 3.91 -17.15
N VAL A 239 5.27 4.33 -18.41
CA VAL A 239 4.05 4.57 -19.22
C VAL A 239 4.01 3.57 -20.37
N PHE A 240 2.81 3.05 -20.63
CA PHE A 240 2.50 2.12 -21.73
C PHE A 240 1.44 2.76 -22.62
N ALA A 241 1.61 2.57 -23.93
CA ALA A 241 0.62 3.04 -24.90
C ALA A 241 0.79 2.26 -26.19
N ARG A 242 -0.28 2.16 -26.96
CA ARG A 242 -0.18 1.62 -28.34
C ARG A 242 0.46 2.67 -29.25
N GLY A 243 1.27 2.20 -30.18
CA GLY A 243 1.95 3.06 -31.17
C GLY A 243 1.27 3.04 -32.53
N SER A 244 1.82 3.76 -33.50
CA SER A 244 1.28 3.97 -34.87
CA SER A 244 1.14 3.96 -34.81
C SER A 244 1.10 2.64 -35.62
N ASN A 245 1.99 1.68 -35.35
CA ASN A 245 2.00 0.34 -36.00
C ASN A 245 1.17 -0.68 -35.19
N ASN A 246 0.42 -0.20 -34.20
CA ASN A 246 -0.42 -1.00 -33.27
C ASN A 246 0.40 -1.92 -32.36
N ALA A 247 1.72 -1.73 -32.28
CA ALA A 247 2.55 -2.42 -31.27
C ALA A 247 2.35 -1.75 -29.91
N LEU A 248 2.67 -2.49 -28.87
CA LEU A 248 2.77 -1.93 -27.50
C LEU A 248 4.14 -1.26 -27.30
N TYR A 249 4.11 -0.02 -26.83
CA TYR A 249 5.35 0.71 -26.49
C TYR A 249 5.33 1.09 -25.01
N HIS A 250 6.52 1.34 -24.47
CA HIS A 250 6.67 1.85 -23.10
C HIS A 250 7.87 2.79 -23.03
N ILE A 251 7.84 3.57 -21.97
CA ILE A 251 8.86 4.62 -21.71
C ILE A 251 8.87 4.83 -20.20
N TRP A 252 10.01 5.22 -19.62
CA TRP A 252 10.12 5.24 -18.13
C TRP A 252 11.07 6.32 -17.65
N GLN A 253 10.81 6.80 -16.45
CA GLN A 253 11.84 7.53 -15.70
C GLN A 253 13.07 6.62 -15.54
N THR A 254 14.27 7.15 -15.70
CA THR A 254 15.52 6.36 -15.48
C THR A 254 16.09 6.57 -14.09
N VAL A 255 15.52 7.52 -13.33
CA VAL A 255 15.93 7.84 -11.94
C VAL A 255 14.66 7.86 -11.13
N PRO A 256 14.60 7.34 -9.89
CA PRO A 256 13.37 7.46 -9.10
C PRO A 256 12.85 8.90 -9.09
N HIS A 257 11.56 9.06 -9.37
CA HIS A 257 10.86 10.36 -9.37
C HIS A 257 11.66 11.44 -10.09
N GLY A 258 12.30 11.09 -11.21
CA GLY A 258 13.09 12.10 -11.93
C GLY A 258 13.44 11.69 -13.33
N GLY A 259 14.08 12.62 -14.02
CA GLY A 259 14.56 12.41 -15.38
C GLY A 259 16.02 11.97 -15.38
N PRO A 260 16.57 11.69 -16.57
CA PRO A 260 15.83 11.75 -17.82
C PRO A 260 14.90 10.56 -18.01
N TRP A 261 13.91 10.73 -18.88
CA TRP A 261 13.09 9.61 -19.36
C TRP A 261 13.94 8.82 -20.37
N SER A 262 13.65 7.54 -20.47
CA SER A 262 14.21 6.64 -21.49
C SER A 262 13.73 7.06 -22.87
N ASN A 263 14.33 6.52 -23.90
CA ASN A 263 13.66 6.48 -25.22
C ASN A 263 12.46 5.55 -25.13
N TRP A 264 11.51 5.75 -26.01
CA TRP A 264 10.43 4.76 -26.21
C TRP A 264 11.05 3.43 -26.63
N ALA A 265 10.47 2.33 -26.16
CA ALA A 265 10.88 0.98 -26.55
C ALA A 265 9.64 0.18 -26.95
N SER A 266 9.75 -0.58 -28.02
CA SER A 266 8.66 -1.45 -28.48
C SER A 266 8.67 -2.75 -27.69
N LEU A 267 7.49 -3.21 -27.33
CA LEU A 267 7.25 -4.58 -26.84
C LEU A 267 6.53 -5.39 -27.92
N ASN A 268 6.50 -4.87 -29.15
CA ASN A 268 5.98 -5.61 -30.32
C ASN A 268 4.51 -5.97 -30.08
N GLY A 269 4.07 -7.06 -30.68
CA GLY A 269 2.65 -7.42 -30.73
C GLY A 269 1.88 -6.54 -31.70
N VAL A 270 0.62 -6.91 -31.91
CA VAL A 270 -0.34 -6.06 -32.65
C VAL A 270 -1.59 -6.08 -31.80
N ILE A 271 -1.96 -4.94 -31.23
CA ILE A 271 -3.07 -4.90 -30.25
C ILE A 271 -4.20 -4.03 -30.80
N THR A 272 -5.41 -4.42 -30.41
CA THR A 272 -6.64 -3.80 -30.92
C THR A 272 -7.47 -3.23 -29.79
N SER A 273 -6.86 -3.08 -28.62
CA SER A 273 -7.46 -2.34 -27.50
C SER A 273 -6.38 -1.51 -26.83
N ALA A 274 -6.82 -0.63 -25.94
CA ALA A 274 -5.87 -0.01 -24.99
C ALA A 274 -5.21 -1.12 -24.20
N PRO A 275 -3.94 -0.90 -23.75
CA PRO A 275 -3.30 -1.84 -22.85
C PRO A 275 -3.65 -1.51 -21.40
N ALA A 276 -3.74 -2.57 -20.60
CA ALA A 276 -3.89 -2.48 -19.13
C ALA A 276 -2.63 -3.05 -18.49
N VAL A 277 -2.06 -2.31 -17.51
CA VAL A 277 -0.80 -2.70 -16.83
C VAL A 277 -1.09 -2.94 -15.36
N VAL A 278 -0.38 -3.90 -14.80
CA VAL A 278 -0.50 -4.22 -13.36
C VAL A 278 0.83 -4.80 -12.91
N LYS A 279 1.07 -4.72 -11.60
CA LYS A 279 2.24 -5.34 -10.96
CA LYS A 279 2.26 -5.36 -10.99
C LYS A 279 1.83 -6.67 -10.33
N ASN A 280 2.54 -7.74 -10.63
CA ASN A 280 2.40 -9.02 -9.90
C ASN A 280 2.81 -8.83 -8.43
N SER A 281 2.43 -9.80 -7.61
CA SER A 281 2.75 -9.80 -6.16
C SER A 281 4.27 -9.74 -5.94
N ASP A 282 5.07 -10.17 -6.91
CA ASP A 282 6.56 -10.19 -6.82
C ASP A 282 7.17 -8.97 -7.55
N GLY A 283 6.37 -7.99 -7.95
CA GLY A 283 6.86 -6.75 -8.59
C GLY A 283 6.94 -6.80 -10.10
N ARG A 284 6.86 -7.99 -10.71
CA ARG A 284 6.99 -8.09 -12.19
C ARG A 284 5.81 -7.39 -12.88
N LEU A 285 6.11 -6.48 -13.79
CA LEU A 285 5.02 -5.85 -14.58
C LEU A 285 4.44 -6.86 -15.55
N GLU A 286 3.14 -6.68 -15.83
CA GLU A 286 2.39 -7.52 -16.77
C GLU A 286 1.36 -6.64 -17.46
N VAL A 287 1.25 -6.80 -18.78
CA VAL A 287 0.35 -5.97 -19.62
C VAL A 287 -0.63 -6.90 -20.33
N PHE A 288 -1.87 -6.47 -20.37
CA PHE A 288 -2.98 -7.19 -21.03
C PHE A 288 -3.55 -6.29 -22.12
N ALA A 289 -3.90 -6.90 -23.25
CA ALA A 289 -4.53 -6.17 -24.37
C ALA A 289 -5.26 -7.15 -25.26
N ARG A 290 -6.23 -6.65 -26.02
CA ARG A 290 -6.87 -7.46 -27.07
CA ARG A 290 -6.89 -7.45 -27.07
C ARG A 290 -5.93 -7.61 -28.27
N GLY A 291 -5.95 -8.79 -28.88
CA GLY A 291 -5.15 -9.05 -30.08
C GLY A 291 -5.98 -8.94 -31.34
N THR A 292 -5.36 -9.22 -32.47
CA THR A 292 -6.03 -9.04 -33.78
C THR A 292 -7.03 -10.17 -34.08
N ASN A 293 -7.03 -11.24 -33.30
CA ASN A 293 -8.08 -12.31 -33.33
C ASN A 293 -9.17 -12.06 -32.29
N ASN A 294 -9.19 -10.88 -31.66
CA ASN A 294 -10.19 -10.47 -30.64
C ASN A 294 -10.02 -11.27 -29.33
N ALA A 295 -8.92 -12.00 -29.16
CA ALA A 295 -8.61 -12.71 -27.88
C ALA A 295 -7.87 -11.78 -26.92
N LEU A 296 -7.89 -12.17 -25.65
CA LEU A 296 -7.04 -11.55 -24.63
C LEU A 296 -5.61 -12.04 -24.84
N TYR A 297 -4.67 -11.10 -24.79
CA TYR A 297 -3.22 -11.41 -24.78
C TYR A 297 -2.57 -10.77 -23.55
N HIS A 298 -1.41 -11.32 -23.21
CA HIS A 298 -0.57 -10.72 -22.16
C HIS A 298 0.90 -10.93 -22.45
N ILE A 299 1.69 -10.12 -21.74
CA ILE A 299 3.17 -10.11 -21.83
C ILE A 299 3.66 -9.68 -20.45
N TRP A 300 4.77 -10.23 -19.98
CA TRP A 300 5.19 -9.99 -18.58
C TRP A 300 6.70 -9.91 -18.49
N GLN A 301 7.19 -9.22 -17.47
CA GLN A 301 8.61 -9.34 -17.10
C GLN A 301 8.85 -10.75 -16.60
N THR A 302 10.01 -11.31 -16.94
CA THR A 302 10.44 -12.63 -16.46
C THR A 302 11.49 -12.46 -15.37
N VAL A 303 11.59 -13.47 -14.52
CA VAL A 303 12.65 -13.64 -13.48
C VAL A 303 12.43 -12.68 -12.31
N SER A 304 12.37 -11.37 -12.55
CA SER A 304 12.17 -10.37 -11.49
C SER A 304 11.66 -9.07 -12.10
N HIS A 305 11.38 -8.08 -11.27
CA HIS A 305 10.93 -6.74 -11.72
C HIS A 305 12.01 -6.03 -12.53
N SER A 306 13.26 -6.52 -12.58
CA SER A 306 14.38 -6.00 -13.40
CA SER A 306 14.24 -5.92 -13.50
C SER A 306 14.60 -6.86 -14.65
N GLY A 307 13.83 -7.93 -14.81
CA GLY A 307 14.08 -8.95 -15.85
C GLY A 307 13.52 -8.57 -17.22
N PRO A 308 13.95 -9.29 -18.25
CA PRO A 308 13.51 -9.01 -19.61
C PRO A 308 12.07 -9.48 -19.83
N TRP A 309 11.40 -8.89 -20.80
CA TRP A 309 9.98 -9.21 -21.07
C TRP A 309 9.87 -10.54 -21.81
N SER A 310 8.81 -11.27 -21.50
CA SER A 310 8.38 -12.51 -22.19
C SER A 310 7.99 -12.22 -23.63
N ASN A 311 7.70 -13.27 -24.36
CA ASN A 311 6.89 -13.18 -25.57
C ASN A 311 5.43 -12.97 -25.18
N TRP A 312 4.66 -12.44 -26.12
CA TRP A 312 3.19 -12.36 -26.00
C TRP A 312 2.62 -13.77 -25.93
N ALA A 313 1.56 -13.94 -25.15
CA ALA A 313 0.83 -15.22 -25.08
C ALA A 313 -0.65 -14.94 -25.04
N THR A 314 -1.43 -15.81 -25.67
CA THR A 314 -2.89 -15.67 -25.64
C THR A 314 -3.49 -16.26 -24.36
N LEU A 315 -4.55 -15.60 -23.88
CA LEU A 315 -5.47 -16.14 -22.86
C LEU A 315 -6.84 -16.39 -23.49
N ASN A 316 -6.93 -16.40 -24.83
CA ASN A 316 -8.15 -16.85 -25.55
C ASN A 316 -9.31 -15.94 -25.20
N GLY A 317 -10.52 -16.44 -25.39
CA GLY A 317 -11.73 -15.62 -25.33
C GLY A 317 -11.98 -14.87 -26.62
N THR A 318 -13.16 -14.28 -26.69
CA THR A 318 -13.50 -13.24 -27.68
C THR A 318 -14.03 -12.05 -26.88
N ILE A 319 -13.26 -10.97 -26.83
CA ILE A 319 -13.59 -9.83 -25.93
C ILE A 319 -13.92 -8.61 -26.77
N THR A 320 -14.79 -7.79 -26.22
CA THR A 320 -15.38 -6.62 -26.92
C THR A 320 -15.09 -5.34 -26.16
N SER A 321 -14.01 -5.35 -25.36
CA SER A 321 -13.47 -4.16 -24.64
C SER A 321 -11.99 -4.41 -24.47
N ALA A 322 -11.26 -3.39 -24.01
CA ALA A 322 -9.93 -3.62 -23.41
C ALA A 322 -10.15 -4.43 -22.15
N PRO A 323 -9.12 -5.20 -21.72
CA PRO A 323 -9.11 -5.80 -20.39
C PRO A 323 -8.72 -4.80 -19.30
N THR A 324 -9.14 -5.14 -18.09
CA THR A 324 -8.76 -4.45 -16.83
C THR A 324 -8.17 -5.48 -15.89
N ALA A 325 -7.02 -5.19 -15.29
CA ALA A 325 -6.28 -6.15 -14.43
C ALA A 325 -6.06 -5.56 -13.03
N VAL A 326 -6.15 -6.43 -12.04
CA VAL A 326 -5.86 -6.04 -10.63
C VAL A 326 -5.36 -7.27 -9.90
N GLU A 327 -4.55 -7.06 -8.87
CA GLU A 327 -4.09 -8.16 -7.99
C GLU A 327 -5.13 -8.42 -6.91
N ASP A 328 -5.47 -9.67 -6.66
CA ASP A 328 -6.46 -10.02 -5.61
C ASP A 328 -5.74 -10.26 -4.27
N ALA A 329 -6.52 -10.63 -3.26
CA ALA A 329 -6.00 -10.74 -1.88
C ALA A 329 -5.18 -12.01 -1.72
N ASP A 330 -5.21 -12.92 -2.70
CA ASP A 330 -4.34 -14.12 -2.72
C ASP A 330 -3.05 -13.84 -3.49
N GLY A 331 -2.83 -12.60 -3.92
CA GLY A 331 -1.61 -12.24 -4.66
C GLY A 331 -1.65 -12.67 -6.12
N ARG A 332 -2.83 -12.98 -6.66
CA ARG A 332 -2.98 -13.45 -8.06
C ARG A 332 -3.62 -12.36 -8.91
N LEU A 333 -3.16 -12.23 -10.14
CA LEU A 333 -3.81 -11.28 -11.08
C LEU A 333 -5.20 -11.78 -11.47
N GLU A 334 -6.09 -10.82 -11.53
CA GLU A 334 -7.47 -11.01 -12.01
C GLU A 334 -7.70 -10.06 -13.18
N VAL A 335 -8.34 -10.58 -14.24
CA VAL A 335 -8.59 -9.79 -15.47
C VAL A 335 -10.08 -9.83 -15.81
N PHE A 336 -10.57 -8.68 -16.19
CA PHE A 336 -11.99 -8.49 -16.57
C PHE A 336 -12.04 -7.92 -17.98
N ALA A 337 -13.01 -8.38 -18.77
CA ALA A 337 -13.25 -7.83 -20.13
C ALA A 337 -14.67 -8.16 -20.55
N ARG A 338 -15.24 -7.28 -21.36
CA ARG A 338 -16.60 -7.54 -21.89
C ARG A 338 -16.53 -8.67 -22.91
N GLY A 339 -17.55 -9.52 -22.88
CA GLY A 339 -17.69 -10.60 -23.86
C GLY A 339 -18.65 -10.23 -24.98
N THR A 340 -18.82 -11.15 -25.94
CA THR A 340 -19.70 -10.89 -27.12
C THR A 340 -21.17 -10.85 -26.68
N ASP A 341 -21.52 -11.39 -25.53
CA ASP A 341 -22.86 -11.28 -24.91
C ASP A 341 -23.04 -9.98 -24.11
N ASN A 342 -22.02 -9.10 -24.10
CA ASN A 342 -21.99 -7.81 -23.37
C ASN A 342 -21.92 -7.99 -21.85
N ALA A 343 -21.81 -9.21 -21.37
CA ALA A 343 -21.52 -9.46 -19.94
C ALA A 343 -20.06 -9.16 -19.66
N LEU A 344 -19.74 -8.97 -18.39
CA LEU A 344 -18.33 -8.87 -17.94
C LEU A 344 -17.85 -10.28 -17.65
N TRP A 345 -16.74 -10.67 -18.24
CA TRP A 345 -16.10 -11.98 -18.01
C TRP A 345 -14.79 -11.78 -17.23
N ASN A 346 -14.41 -12.84 -16.54
CA ASN A 346 -13.26 -12.85 -15.61
C ASN A 346 -12.38 -14.04 -15.91
N ILE A 347 -11.07 -13.84 -15.77
CA ILE A 347 -10.07 -14.92 -15.82
C ILE A 347 -8.97 -14.55 -14.83
N TRP A 348 -8.38 -15.54 -14.18
CA TRP A 348 -7.38 -15.22 -13.15
C TRP A 348 -6.19 -16.18 -13.20
N GLN A 349 -5.14 -15.71 -12.54
CA GLN A 349 -3.77 -16.27 -12.66
C GLN A 349 -3.61 -17.49 -11.75
N ALA A 350 -4.30 -18.58 -12.08
CA ALA A 350 -4.09 -19.91 -11.47
C ALA A 350 -2.74 -20.45 -11.95
N THR A 351 -2.19 -21.46 -11.29
CA THR A 351 -0.92 -22.12 -11.67
C THR A 351 -1.19 -23.63 -11.77
N PRO A 352 -0.57 -24.37 -12.72
CA PRO A 352 0.39 -23.82 -13.69
C PRO A 352 -0.21 -23.01 -14.85
N SER A 353 -1.51 -23.12 -15.09
CA SER A 353 -2.22 -22.38 -16.16
C SER A 353 -3.31 -21.48 -15.55
N TRP A 354 -3.63 -20.37 -16.22
CA TRP A 354 -4.72 -19.46 -15.83
C TRP A 354 -6.04 -20.24 -15.75
N SER A 355 -7.00 -19.67 -15.03
CA SER A 355 -8.35 -20.25 -14.83
C SER A 355 -9.11 -20.31 -16.14
N ALA A 356 -10.25 -21.00 -16.11
CA ALA A 356 -11.27 -20.87 -17.17
C ALA A 356 -11.88 -19.47 -17.09
N TRP A 357 -12.29 -18.93 -18.23
CA TRP A 357 -13.12 -17.70 -18.27
C TRP A 357 -14.47 -17.99 -17.59
N VAL A 358 -14.94 -17.07 -16.77
CA VAL A 358 -16.27 -17.20 -16.11
CA VAL A 358 -16.25 -17.18 -16.05
CA VAL A 358 -16.22 -17.15 -15.99
C VAL A 358 -17.00 -15.86 -16.25
N SER A 359 -18.30 -15.96 -16.43
CA SER A 359 -19.13 -14.76 -16.62
C SER A 359 -19.56 -14.19 -15.27
N LEU A 360 -19.46 -12.89 -15.14
CA LEU A 360 -20.05 -12.08 -14.03
CA LEU A 360 -20.08 -12.18 -14.00
C LEU A 360 -21.42 -11.57 -14.44
N LYS A 361 -21.88 -11.96 -15.63
CA LYS A 361 -23.19 -11.50 -16.16
CA LYS A 361 -23.21 -11.49 -16.10
C LYS A 361 -23.18 -9.97 -16.28
N GLY A 362 -24.35 -9.33 -16.18
CA GLY A 362 -24.47 -7.91 -16.48
C GLY A 362 -24.59 -7.67 -17.98
N SER A 363 -24.85 -6.42 -18.33
CA SER A 363 -24.77 -5.91 -19.72
C SER A 363 -24.16 -4.52 -19.65
N LEU A 364 -22.94 -4.39 -20.13
CA LEU A 364 -22.17 -3.14 -19.98
C LEU A 364 -22.04 -2.45 -21.33
N ILE A 365 -22.00 -1.14 -21.27
CA ILE A 365 -21.73 -0.28 -22.45
C ILE A 365 -20.39 0.43 -22.24
N ASP A 366 -19.81 0.85 -23.34
CA ASP A 366 -18.59 1.68 -23.33
C ASP A 366 -19.03 3.14 -23.33
N ALA A 367 -18.97 3.79 -22.18
CA ALA A 367 -19.43 5.18 -22.02
C ALA A 367 -18.20 6.11 -21.99
N SER A 368 -17.02 5.63 -22.37
CA SER A 368 -15.79 6.47 -22.34
CA SER A 368 -15.80 6.49 -22.30
C SER A 368 -16.04 7.80 -23.07
N ALA A 369 -15.69 8.94 -22.45
CA ALA A 369 -15.97 10.27 -23.01
C ALA A 369 -15.01 10.59 -24.16
N ILE A 370 -13.82 10.00 -24.18
CA ILE A 370 -12.93 10.05 -25.36
C ILE A 370 -12.71 8.61 -25.76
N LYS A 371 -13.02 8.31 -27.01
CA LYS A 371 -12.83 7.00 -27.66
C LYS A 371 -12.18 7.22 -29.03
N ALA B 27 6.61 -7.79 35.00
CA ALA B 27 6.57 -9.22 34.56
C ALA B 27 7.37 -9.40 33.26
N ALA B 28 7.70 -10.64 32.90
CA ALA B 28 8.66 -10.97 31.81
C ALA B 28 8.23 -10.27 30.52
N ILE B 29 9.22 -9.74 29.82
CA ILE B 29 9.05 -9.19 28.44
C ILE B 29 10.03 -9.96 27.58
N ALA B 30 9.52 -10.70 26.60
CA ALA B 30 10.34 -11.51 25.69
C ALA B 30 11.39 -10.63 25.01
N LEU B 31 12.56 -11.22 24.77
CA LEU B 31 13.72 -10.56 24.15
C LEU B 31 13.29 -9.83 22.87
N SER B 32 13.68 -8.56 22.75
CA SER B 32 13.19 -7.67 21.69
CA SER B 32 13.27 -7.59 21.71
C SER B 32 13.89 -7.92 20.35
N GLU B 33 13.21 -7.50 19.30
CA GLU B 33 13.87 -7.28 17.98
C GLU B 33 15.05 -6.31 18.17
N ILE B 34 16.09 -6.49 17.36
CA ILE B 34 17.38 -5.73 17.42
C ILE B 34 17.39 -4.56 16.43
N VAL B 35 16.51 -4.61 15.43
CA VAL B 35 16.48 -3.54 14.39
C VAL B 35 15.02 -3.18 14.13
N SER B 36 14.84 -1.96 13.65
CA SER B 36 13.61 -1.49 12.97
CA SER B 36 13.57 -1.60 12.96
C SER B 36 13.86 -1.55 11.47
N VAL B 37 12.89 -2.00 10.68
CA VAL B 37 13.05 -2.29 9.23
CA VAL B 37 13.14 -2.17 9.22
C VAL B 37 11.99 -1.53 8.44
N VAL B 38 12.32 -1.13 7.24
CA VAL B 38 11.34 -0.44 6.37
C VAL B 38 11.69 -0.81 4.94
N ASN B 39 10.66 -0.82 4.10
CA ASN B 39 10.79 -0.82 2.62
C ASN B 39 10.81 0.62 2.13
N THR B 40 11.90 1.01 1.50
CA THR B 40 12.04 2.38 1.00
C THR B 40 11.14 2.55 -0.22
N SER B 41 10.97 3.81 -0.60
CA SER B 41 10.14 4.19 -1.77
C SER B 41 10.78 3.70 -3.08
N ASP B 42 12.05 3.29 -3.05
CA ASP B 42 12.70 2.69 -4.24
C ASP B 42 12.88 1.19 -4.06
N GLY B 43 12.12 0.55 -3.18
CA GLY B 43 12.03 -0.91 -3.09
C GLY B 43 13.21 -1.55 -2.38
N ARG B 44 14.02 -0.80 -1.63
CA ARG B 44 15.19 -1.38 -0.94
C ARG B 44 14.84 -1.53 0.55
N ILE B 45 15.20 -2.67 1.13
CA ILE B 45 15.10 -2.84 2.60
C ILE B 45 16.19 -2.01 3.28
N GLU B 46 15.78 -1.25 4.28
CA GLU B 46 16.73 -0.51 5.15
C GLU B 46 16.46 -0.90 6.60
N VAL B 47 17.54 -1.15 7.34
CA VAL B 47 17.46 -1.55 8.77
CA VAL B 47 17.52 -1.59 8.75
C VAL B 47 18.21 -0.54 9.63
N PHE B 48 17.65 -0.31 10.80
CA PHE B 48 18.19 0.64 11.80
C PHE B 48 18.39 -0.10 13.11
N GLY B 49 19.59 0.05 13.70
CA GLY B 49 19.90 -0.54 15.01
C GLY B 49 20.83 0.35 15.80
N VAL B 50 21.12 -0.07 17.02
CA VAL B 50 22.00 0.67 17.95
C VAL B 50 23.37 -0.02 18.00
N GLY B 51 24.40 0.76 17.71
CA GLY B 51 25.79 0.27 17.76
C GLY B 51 26.35 0.30 19.17
N THR B 52 27.57 -0.18 19.34
CA THR B 52 28.17 -0.30 20.69
C THR B 52 28.50 1.09 21.24
N ASP B 53 28.51 2.13 20.41
CA ASP B 53 28.65 3.55 20.80
C ASP B 53 27.31 4.20 21.17
N ASN B 54 26.21 3.44 21.15
CA ASN B 54 24.85 3.97 21.48
CA ASN B 54 24.83 3.91 21.44
C ASN B 54 24.33 4.87 20.35
N ALA B 55 25.05 4.98 19.23
CA ALA B 55 24.53 5.71 18.05
C ALA B 55 23.55 4.80 17.28
N VAL B 56 22.69 5.42 16.49
CA VAL B 56 21.83 4.66 15.53
C VAL B 56 22.66 4.48 14.26
N TRP B 57 22.74 3.25 13.77
CA TRP B 57 23.40 2.91 12.50
C TRP B 57 22.34 2.32 11.56
N HIS B 58 22.53 2.51 10.27
CA HIS B 58 21.62 1.91 9.28
CA HIS B 58 21.62 1.97 9.23
C HIS B 58 22.40 1.22 8.17
N ASN B 59 21.73 0.28 7.54
CA ASN B 59 22.28 -0.54 6.45
C ASN B 59 21.14 -0.73 5.45
N ARG B 60 21.44 -0.65 4.16
CA ARG B 60 20.42 -0.67 3.11
C ARG B 60 20.86 -1.62 2.02
N GLN B 61 19.90 -2.28 1.38
CA GLN B 61 20.21 -3.09 0.18
C GLN B 61 20.74 -2.16 -0.91
N THR B 62 21.71 -2.61 -1.67
CA THR B 62 22.20 -1.81 -2.83
C THR B 62 21.22 -1.95 -4.01
N ALA B 63 20.47 -3.03 -4.06
CA ALA B 63 19.51 -3.30 -5.15
C ALA B 63 18.25 -3.85 -4.53
N PRO B 64 17.09 -3.58 -5.19
CA PRO B 64 15.78 -3.97 -4.67
C PRO B 64 15.46 -5.44 -5.00
N HIS B 65 16.27 -6.38 -4.53
CA HIS B 65 16.12 -7.82 -4.85
C HIS B 65 16.57 -8.69 -3.69
N SER B 66 16.00 -9.87 -3.61
CA SER B 66 16.46 -10.90 -2.65
C SER B 66 17.94 -11.17 -2.89
N GLY B 67 18.71 -11.28 -1.82
CA GLY B 67 20.14 -11.64 -1.89
C GLY B 67 21.01 -10.50 -2.36
N SER B 68 20.49 -9.28 -2.45
CA SER B 68 21.29 -8.08 -2.79
C SER B 68 22.44 -7.92 -1.78
N SER B 69 23.55 -7.39 -2.24
CA SER B 69 24.59 -6.83 -1.34
C SER B 69 24.01 -5.62 -0.60
N TRP B 70 24.77 -5.15 0.39
CA TRP B 70 24.34 -4.09 1.32
C TRP B 70 25.32 -2.93 1.27
N THR B 71 24.86 -1.73 1.62
CA THR B 71 25.74 -0.53 1.70
C THR B 71 26.83 -0.71 2.74
N GLY B 72 26.59 -1.58 3.73
CA GLY B 72 27.37 -1.58 4.96
C GLY B 72 26.75 -0.60 5.95
N TRP B 73 27.17 -0.72 7.20
CA TRP B 73 26.61 0.08 8.30
C TRP B 73 27.16 1.49 8.22
N ILE B 74 26.27 2.46 8.34
CA ILE B 74 26.59 3.91 8.27
C ILE B 74 25.94 4.55 9.49
N SER B 75 26.68 5.36 10.23
CA SER B 75 26.16 5.96 11.46
C SER B 75 25.27 7.16 11.14
N LEU B 76 24.17 7.27 11.89
CA LEU B 76 23.36 8.51 12.01
C LEU B 76 23.71 9.25 13.29
N ASN B 77 24.75 8.83 14.00
CA ASN B 77 25.14 9.47 15.28
C ASN B 77 23.96 9.42 16.24
N GLY B 78 23.85 10.41 17.10
CA GLY B 78 22.93 10.38 18.24
C GLY B 78 23.48 9.49 19.35
N LYS B 79 22.78 9.49 20.47
CA LYS B 79 23.01 8.58 21.61
C LYS B 79 21.63 8.18 22.09
N VAL B 80 21.31 6.91 22.00
CA VAL B 80 19.91 6.50 22.29
C VAL B 80 19.88 5.45 23.38
N THR B 81 18.74 5.40 24.05
CA THR B 81 18.46 4.45 25.14
C THR B 81 17.07 3.82 24.95
N SER B 82 16.61 3.74 23.70
CA SER B 82 15.49 2.85 23.35
C SER B 82 15.86 2.12 22.06
N LYS B 83 15.06 1.14 21.71
CA LYS B 83 15.04 0.66 20.32
C LYS B 83 14.72 1.87 19.44
N PRO B 84 15.43 2.06 18.33
CA PRO B 84 15.06 3.09 17.36
C PRO B 84 13.97 2.55 16.43
N VAL B 85 13.05 3.43 16.05
CA VAL B 85 11.89 3.02 15.23
C VAL B 85 11.84 3.93 14.02
N VAL B 86 11.99 3.32 12.85
CA VAL B 86 11.88 4.07 11.58
C VAL B 86 10.43 4.00 11.08
N TYR B 87 10.00 5.07 10.43
CA TYR B 87 8.70 5.08 9.73
C TYR B 87 8.89 5.88 8.45
N ILE B 88 8.16 5.50 7.42
CA ILE B 88 8.20 6.23 6.13
C ILE B 88 7.05 7.25 6.10
N ASN B 89 7.38 8.51 5.93
CA ASN B 89 6.39 9.58 5.71
C ASN B 89 5.64 9.33 4.39
N THR B 90 4.49 9.95 4.21
CA THR B 90 3.67 9.69 3.01
C THR B 90 4.32 10.32 1.78
N ASP B 91 5.37 11.12 1.91
CA ASP B 91 6.17 11.64 0.78
C ASP B 91 7.45 10.80 0.58
N GLY B 92 7.55 9.64 1.21
CA GLY B 92 8.68 8.73 1.03
C GLY B 92 9.88 9.03 1.94
N ARG B 93 9.86 10.12 2.72
CA ARG B 93 11.02 10.46 3.58
C ARG B 93 11.03 9.57 4.83
N LEU B 94 12.12 8.84 5.04
CA LEU B 94 12.27 8.06 6.29
C LEU B 94 12.48 9.01 7.47
N GLU B 95 12.03 8.55 8.62
CA GLU B 95 12.13 9.32 9.87
C GLU B 95 12.32 8.31 10.99
N VAL B 96 13.29 8.56 11.88
CA VAL B 96 13.61 7.63 12.99
C VAL B 96 13.32 8.32 14.32
N PHE B 97 12.72 7.55 15.20
CA PHE B 97 12.33 7.99 16.56
C PHE B 97 13.06 7.13 17.59
N ALA B 98 13.59 7.75 18.65
CA ALA B 98 14.31 7.00 19.71
C ALA B 98 14.37 7.85 20.97
N ARG B 99 14.38 7.17 22.11
CA ARG B 99 14.68 7.88 23.38
C ARG B 99 16.17 8.26 23.40
N GLY B 100 16.44 9.49 23.83
CA GLY B 100 17.82 9.96 24.01
C GLY B 100 18.37 9.65 25.38
N THR B 101 19.65 9.94 25.58
CA THR B 101 20.32 9.77 26.89
CA THR B 101 20.31 9.74 26.91
C THR B 101 19.78 10.78 27.91
N ASP B 102 18.99 11.76 27.46
CA ASP B 102 18.29 12.76 28.32
C ASP B 102 16.87 12.27 28.64
N ASN B 103 16.50 11.06 28.19
CA ASN B 103 15.16 10.44 28.41
C ASN B 103 14.06 11.12 27.58
N ALA B 104 14.39 12.11 26.75
CA ALA B 104 13.39 12.73 25.84
C ALA B 104 13.23 11.86 24.59
N LEU B 105 12.11 12.06 23.90
CA LEU B 105 11.94 11.53 22.54
C LEU B 105 12.71 12.40 21.56
N TRP B 106 13.54 11.76 20.74
CA TRP B 106 14.30 12.44 19.67
C TRP B 106 13.88 11.89 18.32
N HIS B 107 14.13 12.67 17.28
CA HIS B 107 13.89 12.18 15.91
C HIS B 107 14.87 12.83 14.94
N ILE B 108 14.98 12.17 13.80
CA ILE B 108 15.88 12.58 12.69
C ILE B 108 15.16 12.13 11.42
N TRP B 109 15.24 12.93 10.36
CA TRP B 109 14.45 12.64 9.14
C TRP B 109 15.27 12.89 7.89
N GLN B 110 14.92 12.20 6.82
CA GLN B 110 15.49 12.52 5.50
C GLN B 110 14.89 13.85 5.04
N THR B 111 15.72 14.68 4.40
CA THR B 111 15.28 16.00 3.89
C THR B 111 14.58 15.83 2.54
N ALA B 112 14.84 14.70 1.88
CA ALA B 112 14.19 14.29 0.63
C ALA B 112 14.16 12.76 0.57
N THR B 113 13.23 12.16 -0.17
CA THR B 113 13.04 10.69 -0.25
CA THR B 113 13.07 10.67 -0.08
C THR B 113 14.40 10.02 -0.46
N ASN B 114 14.85 9.14 0.45
CA ASN B 114 16.09 8.34 0.33
C ASN B 114 17.33 9.22 0.16
N ALA B 115 17.26 10.46 0.63
CA ALA B 115 18.38 11.40 0.50
C ALA B 115 19.02 11.61 1.87
N GLY B 116 19.71 12.72 2.03
CA GLY B 116 20.45 13.09 3.25
C GLY B 116 19.53 13.27 4.42
N TRP B 117 20.10 13.26 5.61
CA TRP B 117 19.36 13.33 6.89
C TRP B 117 19.55 14.70 7.53
N SER B 118 18.54 15.10 8.27
CA SER B 118 18.56 16.26 9.19
C SER B 118 19.55 15.99 10.32
N ASN B 119 19.73 16.98 11.17
CA ASN B 119 20.28 16.74 12.52
C ASN B 119 19.20 16.09 13.38
N TRP B 120 19.61 15.39 14.43
CA TRP B 120 18.68 14.96 15.49
C TRP B 120 18.05 16.19 16.12
N GLN B 121 16.76 16.10 16.44
CA GLN B 121 16.03 17.18 17.15
CA GLN B 121 16.03 17.19 17.15
C GLN B 121 15.15 16.56 18.23
N SER B 122 15.00 17.28 19.34
CA SER B 122 14.23 16.78 20.49
C SER B 122 12.76 17.11 20.32
N LEU B 123 11.93 16.13 20.65
CA LEU B 123 10.49 16.33 20.86
C LEU B 123 10.17 16.33 22.36
N GLY B 124 11.20 16.37 23.20
CA GLY B 124 11.00 16.53 24.64
C GLY B 124 10.27 15.38 25.29
N GLY B 125 9.59 15.68 26.39
CA GLY B 125 8.98 14.68 27.27
C GLY B 125 10.03 13.93 28.07
N THR B 126 9.55 13.08 28.96
CA THR B 126 10.33 12.01 29.63
C THR B 126 9.59 10.70 29.36
N ILE B 127 10.23 9.81 28.63
CA ILE B 127 9.51 8.59 28.17
C ILE B 127 10.19 7.34 28.75
N THR B 128 9.40 6.30 28.97
CA THR B 128 9.83 5.09 29.70
C THR B 128 9.51 3.84 28.89
N SER B 129 9.35 3.98 27.57
CA SER B 129 9.19 2.84 26.65
C SER B 129 9.88 3.17 25.35
N ASN B 130 9.98 2.17 24.49
CA ASN B 130 10.27 2.42 23.07
C ASN B 130 9.08 3.20 22.49
N PRO B 131 9.33 4.06 21.49
CA PRO B 131 8.23 4.69 20.76
C PRO B 131 7.50 3.67 19.88
N ALA B 132 6.20 3.89 19.69
CA ALA B 132 5.38 3.19 18.68
C ALA B 132 4.93 4.27 17.70
N VAL B 133 5.02 3.99 16.41
CA VAL B 133 4.88 5.04 15.39
C VAL B 133 3.92 4.56 14.29
N TYR B 134 3.02 5.42 13.87
CA TYR B 134 2.20 5.12 12.68
C TYR B 134 1.84 6.44 12.02
N VAL B 135 1.28 6.37 10.81
CA VAL B 135 0.80 7.59 10.14
C VAL B 135 -0.72 7.56 10.05
N ASN B 136 -1.32 8.70 10.32
CA ASN B 136 -2.77 8.92 10.15
C ASN B 136 -3.14 8.99 8.65
N THR B 137 -4.42 8.90 8.36
CA THR B 137 -4.92 8.91 6.96
C THR B 137 -4.67 10.27 6.31
N ASP B 138 -4.38 11.30 7.11
CA ASP B 138 -4.12 12.67 6.62
C ASP B 138 -2.62 12.90 6.52
N GLY B 139 -1.80 11.85 6.62
CA GLY B 139 -0.34 11.98 6.44
C GLY B 139 0.40 12.44 7.69
N ARG B 140 -0.29 12.68 8.80
CA ARG B 140 0.39 13.12 10.05
C ARG B 140 0.90 11.89 10.81
N ILE B 141 2.21 11.85 11.07
CA ILE B 141 2.78 10.79 11.94
C ILE B 141 2.31 11.04 13.37
N ASP B 142 1.97 9.96 14.05
CA ASP B 142 1.54 9.91 15.46
C ASP B 142 2.52 8.98 16.18
N VAL B 143 3.11 9.46 17.28
CA VAL B 143 4.11 8.71 18.06
C VAL B 143 3.57 8.53 19.49
N PHE B 144 3.66 7.30 19.96
CA PHE B 144 3.13 6.85 21.27
C PHE B 144 4.29 6.37 22.13
N ALA B 145 4.27 6.75 23.41
CA ALA B 145 5.30 6.28 24.37
C ALA B 145 4.71 6.31 25.78
N ARG B 146 5.22 5.41 26.60
CA ARG B 146 4.88 5.42 28.04
C ARG B 146 5.57 6.61 28.72
N GLY B 147 4.84 7.25 29.62
CA GLY B 147 5.35 8.34 30.45
C GLY B 147 5.89 7.84 31.80
N THR B 148 6.38 8.75 32.63
CA THR B 148 6.91 8.38 33.98
C THR B 148 5.76 8.02 34.93
N ASP B 149 4.52 8.37 34.56
CA ASP B 149 3.30 7.98 35.30
C ASP B 149 2.80 6.62 34.80
N ASN B 150 3.55 6.00 33.88
CA ASN B 150 3.23 4.71 33.20
CA ASN B 150 3.20 4.69 33.25
C ASN B 150 1.92 4.80 32.39
N ALA B 151 1.45 6.01 32.12
CA ALA B 151 0.33 6.20 31.17
C ALA B 151 0.89 6.18 29.75
N LEU B 152 -0.02 6.01 28.80
CA LEU B 152 0.34 6.15 27.38
C LEU B 152 0.18 7.61 26.96
N TRP B 153 1.22 8.17 26.37
CA TRP B 153 1.18 9.57 25.87
C TRP B 153 1.37 9.51 24.36
N HIS B 154 1.04 10.60 23.69
CA HIS B 154 1.35 10.70 22.24
C HIS B 154 1.63 12.13 21.84
N ILE B 155 2.29 12.24 20.69
CA ILE B 155 2.67 13.53 20.09
C ILE B 155 2.61 13.31 18.57
N SER B 156 2.22 14.33 17.83
CA SER B 156 1.99 14.14 16.38
C SER B 156 2.50 15.31 15.56
N GLN B 157 2.78 15.04 14.28
CA GLN B 157 2.89 16.10 13.27
C GLN B 157 1.54 16.84 13.20
N THR B 158 1.54 18.15 12.98
CA THR B 158 0.27 18.93 12.87
C THR B 158 -0.14 19.10 11.41
N ALA B 159 0.69 18.69 10.47
CA ALA B 159 0.39 18.72 9.03
C ALA B 159 1.04 17.51 8.37
N ALA B 160 0.55 17.15 7.20
CA ALA B 160 1.05 15.94 6.51
C ALA B 160 2.57 16.02 6.41
N HIS B 161 3.25 14.95 6.84
CA HIS B 161 4.73 14.79 6.75
C HIS B 161 5.44 16.11 7.10
N SER B 162 5.00 16.81 8.13
CA SER B 162 5.53 18.17 8.45
C SER B 162 5.35 18.51 9.91
N GLY B 163 6.26 19.33 10.40
CA GLY B 163 6.05 20.10 11.63
C GLY B 163 5.12 21.29 11.37
N PRO B 164 4.79 22.08 12.42
CA PRO B 164 5.26 21.79 13.78
C PRO B 164 4.59 20.56 14.40
N TRP B 165 5.18 20.06 15.48
CA TRP B 165 4.62 18.94 16.27
C TRP B 165 3.69 19.50 17.33
N SER B 166 2.72 18.69 17.71
CA SER B 166 1.76 18.95 18.79
C SER B 166 2.48 18.96 20.12
N SER B 167 1.74 19.33 21.16
CA SER B 167 2.11 19.06 22.56
CA SER B 167 2.15 19.05 22.55
C SER B 167 2.02 17.56 22.83
N TRP B 168 2.70 17.09 23.86
CA TRP B 168 2.48 15.74 24.44
C TRP B 168 1.13 15.73 25.12
N GLN B 169 0.32 14.72 24.84
CA GLN B 169 -1.03 14.61 25.41
C GLN B 169 -1.22 13.19 25.91
N SER B 170 -1.85 13.05 27.06
CA SER B 170 -2.01 11.74 27.71
C SER B 170 -3.27 11.04 27.20
N LEU B 171 -3.13 9.74 27.01
CA LEU B 171 -4.26 8.83 26.73
C LEU B 171 -4.51 7.93 27.94
N ASN B 172 -3.94 8.30 29.09
CA ASN B 172 -4.20 7.61 30.38
C ASN B 172 -3.78 6.14 30.27
N GLY B 173 -4.41 5.29 31.07
CA GLY B 173 -4.02 3.88 31.22
C GLY B 173 -2.79 3.73 32.10
N VAL B 174 -2.50 2.49 32.45
CA VAL B 174 -1.26 2.13 33.18
C VAL B 174 -0.69 0.91 32.47
N ILE B 175 0.45 1.04 31.83
CA ILE B 175 0.93 -0.05 30.95
C ILE B 175 2.31 -0.55 31.39
N THR B 176 2.57 -1.81 31.08
CA THR B 176 3.73 -2.58 31.59
C THR B 176 4.49 -3.24 30.45
N SER B 177 4.24 -2.83 29.22
CA SER B 177 5.03 -3.27 28.05
C SER B 177 5.28 -2.07 27.17
N ASN B 178 6.14 -2.24 26.18
CA ASN B 178 6.18 -1.25 25.08
C ASN B 178 4.84 -1.28 24.36
N PRO B 179 4.36 -0.11 23.92
CA PRO B 179 3.13 -0.08 23.14
C PRO B 179 3.35 -0.52 21.69
N ALA B 180 2.28 -0.98 21.03
CA ALA B 180 2.26 -1.32 19.59
C ALA B 180 1.06 -0.62 18.95
N VAL B 181 1.26 -0.06 17.77
CA VAL B 181 0.18 0.68 17.07
C VAL B 181 -0.01 0.11 15.66
N HIS B 182 -1.25 0.14 15.17
CA HIS B 182 -1.56 -0.16 13.77
C HIS B 182 -2.83 0.59 13.40
N ILE B 183 -3.03 0.80 12.12
CA ILE B 183 -4.29 1.43 11.64
C ILE B 183 -5.31 0.35 11.32
N ASN B 184 -6.54 0.59 11.74
CA ASN B 184 -7.71 -0.21 11.27
C ASN B 184 -7.93 0.01 9.77
N SER B 185 -8.73 -0.87 9.18
CA SER B 185 -9.04 -0.82 7.73
C SER B 185 -10.03 0.33 7.43
N ASP B 186 -10.57 1.01 8.44
CA ASP B 186 -11.37 2.24 8.28
C ASP B 186 -10.58 3.49 8.66
N GLY B 187 -9.25 3.40 8.81
CA GLY B 187 -8.42 4.59 9.05
C GLY B 187 -8.25 4.96 10.53
N ARG B 188 -8.81 4.22 11.47
CA ARG B 188 -8.66 4.57 12.90
C ARG B 188 -7.41 3.90 13.47
N LEU B 189 -6.49 4.69 14.04
CA LEU B 189 -5.32 4.12 14.75
C LEU B 189 -5.80 3.36 15.98
N GLU B 190 -5.02 2.37 16.39
CA GLU B 190 -5.35 1.55 17.57
C GLU B 190 -4.03 1.12 18.21
N VAL B 191 -3.96 1.27 19.53
CA VAL B 191 -2.75 0.97 20.31
C VAL B 191 -3.06 -0.18 21.26
N PHE B 192 -2.05 -1.04 21.42
CA PHE B 192 -2.09 -2.25 22.24
C PHE B 192 -0.94 -2.17 23.23
N ALA B 193 -1.17 -2.61 24.45
CA ALA B 193 -0.11 -2.65 25.49
C ALA B 193 -0.55 -3.59 26.58
N ARG B 194 0.42 -4.14 27.31
CA ARG B 194 0.12 -4.96 28.47
C ARG B 194 -0.28 -4.03 29.63
N GLY B 195 -1.24 -4.47 30.43
CA GLY B 195 -1.70 -3.71 31.60
C GLY B 195 -1.03 -4.18 32.88
N THR B 196 -1.41 -3.59 34.00
CA THR B 196 -0.88 -3.95 35.33
CA THR B 196 -0.87 -3.95 35.34
C THR B 196 -1.24 -5.39 35.69
N ASP B 197 -2.37 -5.87 35.16
CA ASP B 197 -2.87 -7.25 35.41
C ASP B 197 -2.27 -8.25 34.41
N ASN B 198 -1.31 -7.82 33.58
CA ASN B 198 -0.62 -8.65 32.56
C ASN B 198 -1.57 -9.07 31.43
N ALA B 199 -2.79 -8.54 31.36
CA ALA B 199 -3.67 -8.76 30.20
C ALA B 199 -3.23 -7.84 29.07
N LEU B 200 -3.72 -8.13 27.87
CA LEU B 200 -3.61 -7.22 26.72
C LEU B 200 -4.74 -6.20 26.82
N TRP B 201 -4.39 -4.93 26.77
CA TRP B 201 -5.36 -3.82 26.71
C TRP B 201 -5.18 -3.06 25.41
N HIS B 202 -6.23 -2.36 25.01
CA HIS B 202 -6.17 -1.54 23.79
C HIS B 202 -7.05 -0.30 23.92
N ILE B 203 -6.79 0.64 23.02
CA ILE B 203 -7.48 1.94 22.92
C ILE B 203 -7.47 2.30 21.44
N TRP B 204 -8.48 3.01 20.97
CA TRP B 204 -8.57 3.33 19.53
C TRP B 204 -9.03 4.77 19.31
N GLN B 205 -8.62 5.34 18.18
CA GLN B 205 -9.18 6.61 17.70
C GLN B 205 -10.67 6.41 17.47
N THR B 206 -11.45 7.44 17.78
CA THR B 206 -12.92 7.39 17.55
C THR B 206 -13.23 7.64 16.08
N ALA B 207 -12.34 8.32 15.36
CA ALA B 207 -12.49 8.59 13.91
C ALA B 207 -11.09 8.78 13.36
N PRO B 208 -10.91 8.59 12.04
CA PRO B 208 -9.59 8.81 11.45
C PRO B 208 -9.09 10.21 11.78
N ASP B 209 -7.78 10.31 12.00
CA ASP B 209 -7.04 11.58 12.17
C ASP B 209 -7.34 12.23 13.52
N SER B 210 -8.15 11.61 14.38
CA SER B 210 -8.67 12.25 15.60
C SER B 210 -7.63 12.26 16.73
N ASN B 211 -7.70 13.29 17.57
CA ASN B 211 -7.03 13.28 18.88
C ASN B 211 -8.01 12.79 19.95
N GLN B 212 -9.23 12.40 19.59
CA GLN B 212 -10.20 11.79 20.56
CA GLN B 212 -10.24 11.78 20.51
C GLN B 212 -10.07 10.27 20.46
N TRP B 213 -9.70 9.65 21.55
CA TRP B 213 -9.53 8.19 21.68
C TRP B 213 -10.62 7.63 22.59
N SER B 214 -10.83 6.32 22.48
CA SER B 214 -11.70 5.53 23.35
C SER B 214 -11.09 5.46 24.75
N GLY B 215 -11.85 4.94 25.69
CA GLY B 215 -11.23 4.43 26.92
C GLY B 215 -10.46 3.16 26.63
N TRP B 216 -9.67 2.73 27.61
CA TRP B 216 -8.95 1.45 27.57
C TRP B 216 -9.92 0.28 27.77
N ASP B 217 -9.73 -0.76 26.99
CA ASP B 217 -10.55 -1.99 27.05
C ASP B 217 -9.62 -3.17 27.18
N SER B 218 -10.01 -4.15 27.97
CA SER B 218 -9.23 -5.39 28.16
C SER B 218 -9.59 -6.44 27.12
N LEU B 219 -8.56 -7.03 26.52
CA LEU B 219 -8.67 -8.24 25.68
C LEU B 219 -8.22 -9.47 26.46
N GLY B 220 -8.00 -9.31 27.76
CA GLY B 220 -7.71 -10.46 28.62
C GLY B 220 -6.38 -11.12 28.28
N GLY B 221 -6.29 -12.40 28.57
CA GLY B 221 -5.05 -13.19 28.41
C GLY B 221 -4.04 -12.86 29.49
N VAL B 222 -2.91 -13.55 29.42
CA VAL B 222 -1.71 -13.25 30.25
C VAL B 222 -0.54 -13.24 29.29
N ILE B 223 0.08 -12.08 29.07
CA ILE B 223 1.12 -11.98 28.02
C ILE B 223 2.48 -11.66 28.65
N THR B 224 3.49 -12.26 28.04
CA THR B 224 4.89 -12.18 28.54
C THR B 224 5.77 -11.62 27.43
N SER B 225 5.19 -10.79 26.58
CA SER B 225 5.92 -10.06 25.53
C SER B 225 5.19 -8.76 25.26
N ASP B 226 5.84 -7.86 24.56
CA ASP B 226 5.11 -6.78 23.87
C ASP B 226 4.12 -7.42 22.90
N PRO B 227 2.96 -6.79 22.69
CA PRO B 227 2.06 -7.24 21.62
C PRO B 227 2.69 -6.87 20.29
N VAL B 228 2.34 -7.69 19.29
CA VAL B 228 2.78 -7.50 17.89
C VAL B 228 1.51 -7.51 17.04
N VAL B 229 1.23 -6.43 16.32
CA VAL B 229 -0.07 -6.27 15.63
C VAL B 229 0.14 -6.16 14.12
N ILE B 230 -0.77 -6.77 13.37
CA ILE B 230 -0.74 -6.73 11.90
C ILE B 230 -2.19 -6.63 11.41
N GLY B 231 -2.33 -6.12 10.19
CA GLY B 231 -3.62 -6.13 9.48
C GLY B 231 -3.68 -7.33 8.56
N THR B 232 -4.78 -8.08 8.61
CA THR B 232 -4.95 -9.26 7.74
C THR B 232 -5.25 -8.83 6.29
N ALA B 233 -5.10 -9.76 5.36
CA ALA B 233 -5.42 -9.50 3.94
C ALA B 233 -6.90 -9.07 3.81
N ASP B 234 -7.76 -9.46 4.75
CA ASP B 234 -9.20 -9.13 4.71
C ASP B 234 -9.59 -8.02 5.70
N GLY B 235 -8.65 -7.17 6.13
CA GLY B 235 -9.00 -5.90 6.80
C GLY B 235 -9.32 -6.03 8.28
N ARG B 236 -8.76 -7.02 8.98
CA ARG B 236 -8.94 -7.16 10.44
C ARG B 236 -7.60 -7.04 11.16
N LEU B 237 -7.61 -6.45 12.35
CA LEU B 237 -6.39 -6.42 13.20
C LEU B 237 -6.24 -7.79 13.85
N GLU B 238 -4.98 -8.21 13.99
CA GLU B 238 -4.62 -9.50 14.62
C GLU B 238 -3.37 -9.23 15.45
N VAL B 239 -3.40 -9.70 16.69
CA VAL B 239 -2.31 -9.48 17.66
C VAL B 239 -1.71 -10.82 18.02
N PHE B 240 -0.38 -10.84 18.09
CA PHE B 240 0.43 -11.99 18.53
C PHE B 240 1.18 -11.59 19.79
N ALA B 241 1.33 -12.55 20.68
CA ALA B 241 2.10 -12.33 21.93
C ALA B 241 2.53 -13.68 22.47
N ARG B 242 3.58 -13.65 23.28
CA ARG B 242 3.98 -14.83 24.07
C ARG B 242 3.09 -14.91 25.30
N GLY B 243 2.70 -16.14 25.67
CA GLY B 243 1.86 -16.40 26.85
C GLY B 243 2.68 -16.90 28.04
N SER B 244 1.99 -17.21 29.14
CA SER B 244 2.68 -17.54 30.41
CA SER B 244 2.61 -17.59 30.43
C SER B 244 3.47 -18.85 30.26
N ASN B 245 3.05 -19.76 29.38
CA ASN B 245 3.75 -21.06 29.16
C ASN B 245 4.79 -20.94 28.02
N ASN B 246 5.10 -19.71 27.59
CA ASN B 246 6.07 -19.37 26.49
C ASN B 246 5.60 -19.89 25.14
N ALA B 247 4.33 -20.28 25.01
CA ALA B 247 3.74 -20.54 23.69
C ALA B 247 3.46 -19.21 23.00
N LEU B 248 3.32 -19.28 21.68
CA LEU B 248 2.81 -18.17 20.86
C LEU B 248 1.28 -18.19 20.89
N TYR B 249 0.66 -17.05 21.15
CA TYR B 249 -0.79 -16.87 21.12
C TYR B 249 -1.17 -15.78 20.13
N HIS B 250 -2.42 -15.82 19.69
CA HIS B 250 -2.96 -14.71 18.87
C HIS B 250 -4.46 -14.56 19.09
N ILE B 251 -4.92 -13.37 18.74
CA ILE B 251 -6.32 -12.93 18.94
C ILE B 251 -6.61 -11.92 17.84
N TRP B 252 -7.86 -11.84 17.39
CA TRP B 252 -8.15 -11.01 16.20
C TRP B 252 -9.54 -10.38 16.28
N GLN B 253 -9.67 -9.24 15.63
CA GLN B 253 -11.03 -8.72 15.27
C GLN B 253 -11.75 -9.77 14.43
N THR B 254 -13.03 -10.02 14.73
CA THR B 254 -13.82 -11.00 13.93
C THR B 254 -14.60 -10.28 12.82
N VAL B 255 -14.66 -8.95 12.83
CA VAL B 255 -15.33 -8.08 11.82
CA VAL B 255 -15.28 -8.16 11.72
C VAL B 255 -14.28 -7.07 11.37
N PRO B 256 -14.21 -6.66 10.09
CA PRO B 256 -13.24 -5.63 9.72
C PRO B 256 -13.41 -4.40 10.62
N HIS B 257 -12.29 -3.93 11.15
CA HIS B 257 -12.20 -2.72 11.99
C HIS B 257 -13.27 -2.72 13.07
N GLY B 258 -13.56 -3.87 13.67
CA GLY B 258 -14.61 -3.92 14.69
C GLY B 258 -14.55 -5.15 15.57
N GLY B 259 -15.43 -5.16 16.55
CA GLY B 259 -15.59 -6.31 17.45
C GLY B 259 -16.70 -7.25 17.00
N PRO B 260 -16.88 -8.36 17.73
CA PRO B 260 -16.06 -8.69 18.90
C PRO B 260 -14.69 -9.24 18.48
N TRP B 261 -13.76 -9.22 19.42
CA TRP B 261 -12.50 -9.95 19.22
C TRP B 261 -12.75 -11.43 19.49
N SER B 262 -11.96 -12.28 18.83
CA SER B 262 -11.95 -13.75 19.03
C SER B 262 -11.54 -14.08 20.45
N ASN B 263 -11.72 -15.34 20.83
CA ASN B 263 -10.99 -15.95 21.96
C ASN B 263 -9.49 -15.95 21.60
N TRP B 264 -8.62 -15.88 22.60
CA TRP B 264 -7.18 -16.19 22.41
C TRP B 264 -7.03 -17.61 21.90
N ALA B 265 -6.12 -17.83 20.95
CA ALA B 265 -5.80 -19.17 20.43
C ALA B 265 -4.30 -19.38 20.54
N SER B 266 -3.90 -20.57 20.98
CA SER B 266 -2.48 -20.94 21.06
C SER B 266 -2.00 -21.50 19.73
N LEU B 267 -0.83 -21.08 19.30
CA LEU B 267 -0.05 -21.71 18.22
C LEU B 267 1.10 -22.53 18.80
N ASN B 268 1.06 -22.82 20.09
CA ASN B 268 2.03 -23.74 20.73
C ASN B 268 3.45 -23.19 20.57
N GLY B 269 4.43 -24.09 20.53
CA GLY B 269 5.85 -23.72 20.56
C GLY B 269 6.32 -23.34 21.94
N VAL B 270 7.63 -23.20 22.04
CA VAL B 270 8.30 -22.59 23.22
C VAL B 270 9.22 -21.52 22.66
N ILE B 271 8.83 -20.27 22.83
CA ILE B 271 9.59 -19.16 22.20
C ILE B 271 10.35 -18.38 23.27
N THR B 272 11.60 -18.10 22.96
CA THR B 272 12.54 -17.44 23.87
C THR B 272 12.86 -16.03 23.39
N SER B 273 12.07 -15.50 22.48
CA SER B 273 12.15 -14.09 22.04
C SER B 273 10.75 -13.60 21.74
N ALA B 274 10.61 -12.30 21.53
CA ALA B 274 9.41 -11.75 20.91
C ALA B 274 9.18 -12.45 19.58
N PRO B 275 7.90 -12.60 19.16
CA PRO B 275 7.58 -13.04 17.82
C PRO B 275 7.61 -11.86 16.85
N ALA B 276 8.00 -12.15 15.61
CA ALA B 276 7.93 -11.22 14.46
C ALA B 276 6.87 -11.76 13.50
N VAL B 277 5.93 -10.91 13.11
CA VAL B 277 4.81 -11.34 12.23
CA VAL B 277 4.77 -11.28 12.27
C VAL B 277 4.87 -10.54 10.93
N VAL B 278 4.59 -11.23 9.84
CA VAL B 278 4.61 -10.59 8.52
C VAL B 278 3.62 -11.33 7.61
N LYS B 279 3.16 -10.64 6.59
CA LYS B 279 2.35 -11.27 5.53
CA LYS B 279 2.35 -11.26 5.53
C LYS B 279 3.25 -11.65 4.35
N ASN B 280 3.07 -12.87 3.87
CA ASN B 280 3.64 -13.31 2.57
C ASN B 280 2.99 -12.51 1.44
N SER B 281 3.60 -12.56 0.27
CA SER B 281 3.11 -11.88 -0.96
C SER B 281 1.69 -12.33 -1.31
N ASP B 282 1.27 -13.51 -0.83
CA ASP B 282 -0.10 -14.06 -1.08
C ASP B 282 -1.04 -13.82 0.11
N GLY B 283 -0.62 -13.02 1.11
CA GLY B 283 -1.48 -12.70 2.25
C GLY B 283 -1.31 -13.64 3.44
N ARG B 284 -0.71 -14.82 3.24
CA ARG B 284 -0.55 -15.80 4.36
C ARG B 284 0.31 -15.20 5.46
N LEU B 285 -0.19 -15.21 6.68
CA LEU B 285 0.61 -14.77 7.83
C LEU B 285 1.72 -15.77 8.09
N GLU B 286 2.80 -15.25 8.63
CA GLU B 286 3.98 -16.07 9.01
C GLU B 286 4.64 -15.43 10.23
N VAL B 287 5.00 -16.25 11.19
CA VAL B 287 5.57 -15.77 12.48
C VAL B 287 6.93 -16.43 12.64
N PHE B 288 7.88 -15.61 13.10
CA PHE B 288 9.29 -15.99 13.40
C PHE B 288 9.57 -15.74 14.88
N ALA B 289 10.27 -16.67 15.51
CA ALA B 289 10.67 -16.50 16.91
C ALA B 289 11.86 -17.38 17.20
N ARG B 290 12.62 -16.99 18.22
CA ARG B 290 13.73 -17.81 18.73
C ARG B 290 13.17 -18.95 19.59
N GLY B 291 13.80 -20.11 19.51
CA GLY B 291 13.44 -21.29 20.33
C GLY B 291 14.40 -21.53 21.48
N THR B 292 14.21 -22.64 22.18
CA THR B 292 14.98 -22.93 23.41
CA THR B 292 14.98 -23.02 23.39
C THR B 292 16.46 -23.15 23.07
N ASN B 293 16.78 -23.68 21.89
CA ASN B 293 18.19 -23.91 21.47
C ASN B 293 18.77 -22.66 20.80
N ASN B 294 18.09 -21.52 20.87
CA ASN B 294 18.49 -20.22 20.27
C ASN B 294 18.47 -20.27 18.73
N ALA B 295 17.90 -21.29 18.12
CA ALA B 295 17.68 -21.30 16.66
C ALA B 295 16.48 -20.40 16.35
N LEU B 296 16.39 -20.02 15.08
CA LEU B 296 15.21 -19.35 14.52
C LEU B 296 14.17 -20.40 14.13
N TYR B 297 12.93 -20.18 14.53
CA TYR B 297 11.78 -21.03 14.14
C TYR B 297 10.74 -20.17 13.44
N HIS B 298 9.89 -20.81 12.65
CA HIS B 298 8.75 -20.13 12.02
C HIS B 298 7.56 -21.06 11.87
N ILE B 299 6.41 -20.43 11.70
CA ILE B 299 5.10 -21.12 11.59
C ILE B 299 4.28 -20.24 10.65
N TRP B 300 3.42 -20.82 9.83
CA TRP B 300 2.74 -20.03 8.76
C TRP B 300 1.36 -20.58 8.49
N GLN B 301 0.49 -19.71 7.99
CA GLN B 301 -0.78 -20.17 7.41
C GLN B 301 -0.49 -21.00 6.16
N THR B 302 -1.26 -22.06 5.99
CA THR B 302 -1.16 -22.89 4.77
C THR B 302 -2.31 -22.56 3.81
N VAL B 303 -2.04 -22.73 2.51
CA VAL B 303 -3.01 -22.70 1.39
C VAL B 303 -3.41 -21.26 1.06
N SER B 304 -3.92 -20.51 2.02
CA SER B 304 -4.35 -19.12 1.77
C SER B 304 -4.33 -18.33 3.06
N HIS B 305 -4.63 -17.05 2.95
CA HIS B 305 -4.71 -16.16 4.13
C HIS B 305 -5.88 -16.55 5.05
N SER B 306 -6.79 -17.46 4.65
CA SER B 306 -7.88 -18.00 5.49
CA SER B 306 -7.79 -17.95 5.62
C SER B 306 -7.54 -19.41 6.00
N GLY B 307 -6.35 -19.93 5.68
CA GLY B 307 -6.03 -21.33 5.94
C GLY B 307 -5.55 -21.58 7.37
N PRO B 308 -5.47 -22.87 7.76
CA PRO B 308 -4.99 -23.25 9.08
C PRO B 308 -3.47 -23.12 9.13
N TRP B 309 -2.97 -23.13 10.34
CA TRP B 309 -1.53 -22.92 10.57
C TRP B 309 -0.76 -24.23 10.45
N SER B 310 0.47 -24.12 9.99
CA SER B 310 1.46 -25.21 9.88
C SER B 310 1.93 -25.63 11.27
N ASN B 311 2.76 -26.66 11.30
CA ASN B 311 3.65 -26.95 12.46
C ASN B 311 4.80 -25.94 12.46
N TRP B 312 5.38 -25.73 13.62
CA TRP B 312 6.66 -25.01 13.74
C TRP B 312 7.76 -25.76 12.99
N ALA B 313 8.66 -25.03 12.34
CA ALA B 313 9.85 -25.60 11.68
C ALA B 313 11.06 -24.73 12.02
N THR B 314 12.22 -25.36 12.15
CA THR B 314 13.47 -24.62 12.38
C THR B 314 14.00 -24.02 11.08
N LEU B 315 14.67 -22.88 11.22
CA LEU B 315 15.56 -22.27 10.20
C LEU B 315 17.00 -22.24 10.73
N ASN B 316 17.28 -22.97 11.81
CA ASN B 316 18.66 -23.11 12.33
C ASN B 316 19.20 -21.74 12.74
N GLY B 317 20.51 -21.56 12.66
CA GLY B 317 21.16 -20.37 13.22
C GLY B 317 21.24 -20.42 14.74
N THR B 318 21.92 -19.44 15.29
CA THR B 318 22.03 -19.23 16.75
C THR B 318 21.92 -17.72 16.94
N ILE B 319 20.86 -17.25 17.58
CA ILE B 319 20.55 -15.80 17.58
C ILE B 319 20.43 -15.31 19.01
N THR B 320 20.65 -14.02 19.14
CA THR B 320 20.77 -13.34 20.44
C THR B 320 19.82 -12.16 20.50
N SER B 321 18.83 -12.14 19.62
CA SER B 321 17.73 -11.16 19.65
C SER B 321 16.49 -11.87 19.11
N ALA B 322 15.34 -11.24 19.20
CA ALA B 322 14.19 -11.64 18.38
C ALA B 322 14.56 -11.42 16.91
N PRO B 323 13.90 -12.16 16.00
CA PRO B 323 13.99 -11.88 14.57
C PRO B 323 13.12 -10.66 14.23
N THR B 324 13.45 -10.09 13.07
CA THR B 324 12.64 -9.05 12.39
C THR B 324 12.38 -9.54 10.96
N ALA B 325 11.12 -9.47 10.50
CA ALA B 325 10.74 -10.01 9.18
C ALA B 325 10.09 -8.91 8.35
N VAL B 326 10.39 -8.93 7.07
CA VAL B 326 9.82 -7.96 6.08
C VAL B 326 9.79 -8.63 4.72
N GLU B 327 8.83 -8.24 3.89
CA GLU B 327 8.77 -8.72 2.48
C GLU B 327 9.65 -7.81 1.62
N ASP B 328 10.54 -8.39 0.80
CA ASP B 328 11.37 -7.60 -0.14
C ASP B 328 10.61 -7.31 -1.44
N ALA B 329 11.28 -6.55 -2.33
CA ALA B 329 10.69 -6.11 -3.60
C ALA B 329 10.53 -7.27 -4.60
N ASP B 330 11.05 -8.45 -4.32
CA ASP B 330 10.79 -9.66 -5.15
C ASP B 330 9.67 -10.51 -4.54
N GLY B 331 8.97 -10.02 -3.52
CA GLY B 331 7.86 -10.73 -2.90
C GLY B 331 8.31 -11.84 -1.96
N ARG B 332 9.58 -11.82 -1.53
CA ARG B 332 10.11 -12.89 -0.64
CA ARG B 332 10.15 -12.89 -0.65
C ARG B 332 10.30 -12.35 0.77
N LEU B 333 9.99 -13.18 1.76
CA LEU B 333 10.29 -12.79 3.15
C LEU B 333 11.80 -12.75 3.38
N GLU B 334 12.21 -11.72 4.11
CA GLU B 334 13.60 -11.52 4.62
C GLU B 334 13.54 -11.43 6.14
N VAL B 335 14.45 -12.15 6.77
CA VAL B 335 14.54 -12.18 8.25
C VAL B 335 15.94 -11.73 8.67
N PHE B 336 15.96 -10.93 9.73
CA PHE B 336 17.19 -10.39 10.36
C PHE B 336 17.17 -10.75 11.84
N ALA B 337 18.34 -11.05 12.38
CA ALA B 337 18.47 -11.29 13.83
C ALA B 337 19.92 -11.09 14.21
N ARG B 338 20.15 -10.69 15.46
CA ARG B 338 21.53 -10.58 15.98
C ARG B 338 22.08 -11.99 16.17
N GLY B 339 23.35 -12.19 15.83
CA GLY B 339 24.03 -13.49 15.98
C GLY B 339 24.89 -13.57 17.23
N THR B 340 25.62 -14.66 17.34
CA THR B 340 26.45 -14.93 18.54
C THR B 340 27.60 -13.92 18.60
N ASP B 341 27.98 -13.36 17.48
CA ASP B 341 29.09 -12.40 17.30
C ASP B 341 28.57 -10.96 17.36
N ASN B 342 27.28 -10.78 17.67
CA ASN B 342 26.61 -9.46 17.78
C ASN B 342 26.46 -8.76 16.42
N ALA B 343 26.81 -9.43 15.33
CA ALA B 343 26.52 -8.93 13.98
C ALA B 343 25.02 -9.14 13.69
N LEU B 344 24.51 -8.44 12.68
CA LEU B 344 23.16 -8.73 12.14
C LEU B 344 23.28 -9.79 11.05
N TRP B 345 22.57 -10.88 11.23
CA TRP B 345 22.52 -12.00 10.26
C TRP B 345 21.19 -11.98 9.52
N ASN B 346 21.21 -12.48 8.28
CA ASN B 346 20.06 -12.46 7.35
C ASN B 346 19.83 -13.85 6.77
N ILE B 347 18.56 -14.17 6.59
CA ILE B 347 18.13 -15.39 5.86
C ILE B 347 16.86 -15.02 5.10
N TRP B 348 16.66 -15.59 3.91
CA TRP B 348 15.49 -15.19 3.10
C TRP B 348 14.86 -16.39 2.42
N GLN B 349 13.62 -16.17 2.02
CA GLN B 349 12.66 -17.20 1.61
C GLN B 349 12.95 -17.56 0.14
N ALA B 350 13.98 -18.36 -0.13
CA ALA B 350 14.46 -18.72 -1.48
C ALA B 350 13.72 -19.97 -1.96
N SER B 353 13.08 -24.36 -0.07
CA SER B 353 14.09 -24.17 1.00
C SER B 353 14.60 -22.73 1.03
N TRP B 354 14.69 -22.17 2.24
CA TRP B 354 15.25 -20.82 2.55
C TRP B 354 16.74 -20.79 2.19
N SER B 355 17.28 -19.58 2.11
CA SER B 355 18.70 -19.32 1.79
C SER B 355 19.59 -19.79 2.96
N ALA B 356 20.89 -19.81 2.73
CA ALA B 356 21.89 -19.89 3.81
C ALA B 356 21.83 -18.59 4.63
N TRP B 357 22.13 -18.69 5.91
CA TRP B 357 22.38 -17.51 6.76
C TRP B 357 23.61 -16.76 6.25
N VAL B 358 23.53 -15.44 6.18
CA VAL B 358 24.69 -14.60 5.81
CA VAL B 358 24.64 -14.55 5.75
C VAL B 358 24.79 -13.44 6.79
N SER B 359 26.02 -13.06 7.09
CA SER B 359 26.29 -11.96 8.04
C SER B 359 26.27 -10.63 7.30
N LEU B 360 25.55 -9.65 7.86
CA LEU B 360 25.62 -8.24 7.41
C LEU B 360 26.61 -7.48 8.30
N LYS B 361 27.37 -8.18 9.14
CA LYS B 361 28.41 -7.54 9.97
CA LYS B 361 28.41 -7.54 9.97
C LYS B 361 27.72 -6.54 10.92
N GLY B 362 28.48 -5.55 11.38
CA GLY B 362 28.01 -4.64 12.43
C GLY B 362 28.25 -5.25 13.81
N SER B 363 27.99 -4.46 14.82
CA SER B 363 27.94 -4.94 16.22
C SER B 363 26.83 -4.18 16.90
N LEU B 364 25.75 -4.88 17.24
CA LEU B 364 24.53 -4.19 17.73
C LEU B 364 24.31 -4.50 19.20
N ILE B 365 23.64 -3.58 19.86
CA ILE B 365 23.21 -3.76 21.27
C ILE B 365 21.68 -3.71 21.34
N ASP B 366 21.13 -4.35 22.36
CA ASP B 366 19.68 -4.27 22.67
C ASP B 366 19.47 -3.08 23.60
N ALA B 367 19.02 -1.95 23.04
CA ALA B 367 18.75 -0.71 23.78
C ALA B 367 17.28 -0.61 24.20
N SER B 368 16.48 -1.67 24.05
CA SER B 368 15.02 -1.58 24.33
C SER B 368 14.80 -0.94 25.72
N ALA B 369 13.87 0.00 25.80
CA ALA B 369 13.62 0.80 27.03
C ALA B 369 12.82 0.01 28.06
N ILE B 370 12.09 -1.03 27.65
CA ILE B 370 11.43 -2.00 28.55
C ILE B 370 11.89 -3.39 28.16
N LYS B 371 12.53 -4.09 29.08
CA LYS B 371 13.10 -5.44 28.86
C LYS B 371 12.60 -6.42 29.92
#